data_8TGG
#
_entry.id   8TGG
#
_cell.length_a   1.00
_cell.length_b   1.00
_cell.length_c   1.00
_cell.angle_alpha   90.00
_cell.angle_beta   90.00
_cell.angle_gamma   90.00
#
_symmetry.space_group_name_H-M   'P 1'
#
loop_
_entity.id
_entity.type
_entity.pdbx_description
1 polymer 'Chromaffin granule amine transporter'
2 non-polymer 1-methyl-4-phenylpyridin-1-ium
3 non-polymer reserpine
#
_entity_poly.entity_id   1
_entity_poly.type   'polypeptide(L)'
_entity_poly.pdbx_seq_one_letter_code
;MLRTILDAPQRLLKEGRASRQLVLVVVFVALLLDNMLFTVVVPIVPTFLYDMEFKEVNSSLHLGHAGSNCLQGTGFLEEE
ITRVGVLFASKAVMQLLVNPFVGPLTNRIGYHIPMFAGFVIMFLSTVMFAFSGTYTLLFVARTLQGIGSSFSSVAGLGML
ASVYTDDHERGRAMGTALGGLALGLLVGAPFGSVMYEFVGKSAPFLILAFLALLDGALQLCILQPSKVSPESAKGTPLFM
LLKDPYILVAAGSICFANMGVAILEPTLPIWMMQTMCSPKWQLGLAFLPASVSYLIGTNLFGVLANKMGRWLCSLIGMLV
VGTSLLCVPLAHNIFGLIGPNAGLGLAIGMVDSSMMPIMGHLVDLRHTSVYGSVYAIADVAFCMGFAIGPSTGGAIVKAI
GFPWLMVITGVINIVYAPLCYYLRSPPAKEEKLAILSQDCPMETRMYATQKPTKEFPLGEDSDEEPDHEE
;
_entity_poly.pdbx_strand_id   A,B
#
# COMPACT_ATOMS: atom_id res chain seq x y z
N SER A 19 9.38 -31.13 -24.99
CA SER A 19 9.20 -30.20 -26.09
C SER A 19 8.75 -28.84 -25.57
N ARG A 20 7.75 -28.85 -24.69
CA ARG A 20 7.25 -27.60 -24.13
C ARG A 20 8.28 -26.94 -23.22
N GLN A 21 9.19 -27.73 -22.64
CA GLN A 21 10.24 -27.15 -21.81
C GLN A 21 11.28 -26.44 -22.66
N LEU A 22 11.52 -26.91 -23.88
CA LEU A 22 12.53 -26.30 -24.73
C LEU A 22 12.09 -24.96 -25.31
N VAL A 23 10.78 -24.70 -25.39
CA VAL A 23 10.32 -23.41 -25.89
C VAL A 23 10.71 -22.30 -24.93
N LEU A 24 10.69 -22.58 -23.63
CA LEU A 24 11.13 -21.59 -22.65
C LEU A 24 12.60 -21.27 -22.78
N VAL A 25 13.40 -22.23 -23.24
CA VAL A 25 14.83 -21.98 -23.44
C VAL A 25 15.04 -21.03 -24.61
N VAL A 26 14.25 -21.18 -25.67
CA VAL A 26 14.39 -20.31 -26.85
C VAL A 26 14.02 -18.88 -26.50
N VAL A 27 12.89 -18.69 -25.82
CA VAL A 27 12.46 -17.35 -25.46
C VAL A 27 13.41 -16.73 -24.43
N PHE A 28 13.96 -17.55 -23.55
CA PHE A 28 14.92 -17.06 -22.56
C PHE A 28 16.18 -16.54 -23.24
N VAL A 29 16.68 -17.26 -24.25
CA VAL A 29 17.87 -16.83 -24.95
C VAL A 29 17.59 -15.59 -25.80
N ALA A 30 16.40 -15.54 -26.40
CA ALA A 30 16.06 -14.42 -27.28
C ALA A 30 16.00 -13.10 -26.52
N LEU A 31 15.37 -13.11 -25.33
CA LEU A 31 15.32 -11.89 -24.53
C LEU A 31 16.68 -11.53 -23.95
N LEU A 32 17.53 -12.54 -23.72
CA LEU A 32 18.83 -12.28 -23.13
C LEU A 32 19.74 -11.53 -24.10
N LEU A 33 19.78 -11.97 -25.36
CA LEU A 33 20.70 -11.37 -26.32
C LEU A 33 20.22 -10.00 -26.77
N ASP A 34 18.91 -9.83 -27.00
CA ASP A 34 18.40 -8.56 -27.50
C ASP A 34 18.56 -7.45 -26.46
N ASN A 35 18.29 -7.75 -25.19
CA ASN A 35 18.40 -6.74 -24.15
C ASN A 35 19.83 -6.53 -23.69
N MET A 36 20.74 -7.46 -24.00
CA MET A 36 22.15 -7.21 -23.72
C MET A 36 22.71 -6.16 -24.65
N LEU A 37 22.26 -6.15 -25.92
CA LEU A 37 22.68 -5.12 -26.85
C LEU A 37 22.15 -3.75 -26.46
N PHE A 38 21.01 -3.72 -25.76
CA PHE A 38 20.44 -2.44 -25.31
C PHE A 38 21.36 -1.75 -24.32
N THR A 39 21.98 -2.50 -23.42
CA THR A 39 22.77 -1.92 -22.35
C THR A 39 24.26 -1.89 -22.66
N VAL A 40 24.75 -2.70 -23.60
CA VAL A 40 26.17 -2.71 -23.91
C VAL A 40 26.59 -1.40 -24.57
N VAL A 41 25.73 -0.85 -25.42
CA VAL A 41 26.08 0.37 -26.16
C VAL A 41 25.95 1.63 -25.32
N VAL A 42 25.44 1.51 -24.09
CA VAL A 42 25.28 2.69 -23.24
C VAL A 42 26.62 3.35 -22.89
N PRO A 43 27.63 2.63 -22.37
CA PRO A 43 28.89 3.31 -22.02
C PRO A 43 29.86 3.42 -23.19
N ILE A 44 29.39 3.19 -24.41
CA ILE A 44 30.26 3.22 -25.58
C ILE A 44 29.87 4.39 -26.50
N VAL A 45 28.60 4.74 -26.51
CA VAL A 45 28.09 5.75 -27.43
C VAL A 45 28.53 7.16 -27.03
N PRO A 46 28.21 7.64 -25.82
CA PRO A 46 28.62 9.02 -25.47
C PRO A 46 30.12 9.25 -25.43
N THR A 47 30.90 8.24 -25.05
CA THR A 47 32.36 8.41 -25.02
C THR A 47 32.94 8.41 -26.42
N PHE A 48 32.43 7.56 -27.33
CA PHE A 48 33.02 7.44 -28.69
C PHE A 48 32.43 8.47 -29.64
N LEU A 49 31.21 8.92 -29.37
CA LEU A 49 30.54 9.95 -30.20
C LEU A 49 31.41 11.19 -30.11
N TYR A 50 31.97 11.43 -28.92
CA TYR A 50 32.80 12.63 -28.72
C TYR A 50 33.97 12.49 -29.71
N ASP A 51 34.49 11.28 -29.87
CA ASP A 51 35.53 11.07 -30.91
C ASP A 51 36.74 11.95 -30.59
N GLU A 79 22.98 20.87 -24.58
CA GLU A 79 23.49 20.83 -25.97
C GLU A 79 23.63 19.38 -26.40
N GLU A 80 24.72 18.73 -26.00
CA GLU A 80 24.94 17.31 -26.35
C GLU A 80 23.85 16.44 -25.71
N ILE A 81 23.42 16.74 -24.47
CA ILE A 81 22.48 15.81 -23.76
C ILE A 81 21.23 15.75 -24.61
N THR A 82 20.81 16.86 -25.18
CA THR A 82 19.53 16.84 -25.91
C THR A 82 19.60 15.85 -27.07
N ARG A 83 20.73 15.80 -27.77
CA ARG A 83 20.81 14.91 -28.96
C ARG A 83 21.27 13.52 -28.55
N VAL A 84 22.33 13.43 -27.74
CA VAL A 84 22.72 12.10 -27.27
C VAL A 84 21.55 11.42 -26.56
N GLY A 85 20.72 12.20 -25.86
CA GLY A 85 19.57 11.63 -25.18
C GLY A 85 18.54 11.08 -26.14
N VAL A 86 18.32 11.76 -27.26
CA VAL A 86 17.36 11.29 -28.25
C VAL A 86 17.83 9.98 -28.88
N LEU A 87 19.15 9.82 -29.04
CA LEU A 87 19.69 8.58 -29.59
C LEU A 87 19.39 7.39 -28.67
N PHE A 88 19.51 7.58 -27.36
CA PHE A 88 19.22 6.50 -26.43
C PHE A 88 17.73 6.16 -26.40
N ALA A 89 16.87 7.10 -26.77
CA ALA A 89 15.44 6.87 -26.81
C ALA A 89 14.93 6.54 -28.20
N SER A 90 15.83 6.34 -29.17
CA SER A 90 15.40 6.06 -30.54
C SER A 90 14.72 4.70 -30.63
N LYS A 91 15.21 3.71 -29.90
CA LYS A 91 14.62 2.38 -29.94
C LYS A 91 13.20 2.37 -29.38
N ALA A 92 12.98 3.10 -28.28
CA ALA A 92 11.66 3.08 -27.64
C ALA A 92 10.60 3.73 -28.52
N VAL A 93 10.94 4.82 -29.22
CA VAL A 93 9.97 5.50 -30.06
C VAL A 93 9.57 4.60 -31.23
N MET A 94 10.56 3.97 -31.88
CA MET A 94 10.26 3.15 -33.04
C MET A 94 9.62 1.83 -32.65
N GLN A 95 10.02 1.27 -31.51
CA GLN A 95 9.44 0.01 -31.07
C GLN A 95 7.97 0.15 -30.72
N LEU A 96 7.58 1.31 -30.17
CA LEU A 96 6.17 1.54 -29.86
C LEU A 96 5.33 1.57 -31.12
N LEU A 97 5.87 2.13 -32.20
CA LEU A 97 5.13 2.23 -33.45
C LEU A 97 4.91 0.84 -34.07
N VAL A 98 5.93 -0.02 -34.01
CA VAL A 98 5.86 -1.32 -34.68
C VAL A 98 5.06 -2.35 -33.91
N ASN A 99 4.70 -2.08 -32.65
CA ASN A 99 3.93 -3.04 -31.87
C ASN A 99 2.54 -3.31 -32.45
N PRO A 100 1.73 -2.31 -32.81
CA PRO A 100 0.42 -2.61 -33.41
C PRO A 100 0.50 -3.33 -34.75
N PHE A 101 1.64 -3.25 -35.45
CA PHE A 101 1.80 -3.97 -36.71
C PHE A 101 2.43 -5.34 -36.54
N VAL A 102 2.76 -5.74 -35.32
CA VAL A 102 3.36 -7.04 -35.06
C VAL A 102 2.32 -7.96 -34.41
N GLY A 103 1.39 -7.36 -33.67
CA GLY A 103 0.37 -8.10 -32.96
C GLY A 103 -0.55 -8.89 -33.86
N PRO A 104 -1.32 -8.21 -34.71
CA PRO A 104 -2.19 -8.92 -35.66
C PRO A 104 -1.43 -9.75 -36.67
N LEU A 105 -0.16 -9.44 -36.94
CA LEU A 105 0.64 -10.26 -37.84
C LEU A 105 0.85 -11.66 -37.30
N THR A 106 0.91 -11.81 -35.96
CA THR A 106 1.11 -13.12 -35.37
C THR A 106 -0.08 -14.05 -35.54
N ASN A 107 -1.27 -13.49 -35.81
CA ASN A 107 -2.45 -14.33 -35.99
C ASN A 107 -2.47 -14.97 -37.37
N ARG A 108 -1.68 -14.47 -38.31
CA ARG A 108 -1.74 -14.92 -39.69
C ARG A 108 -0.55 -15.77 -40.13
N ILE A 109 0.58 -15.69 -39.42
CA ILE A 109 1.79 -16.39 -39.84
C ILE A 109 2.43 -17.19 -38.71
N GLY A 110 1.80 -17.27 -37.54
CA GLY A 110 2.38 -18.03 -36.44
C GLY A 110 3.42 -17.25 -35.67
N TYR A 111 3.98 -17.92 -34.65
CA TYR A 111 4.95 -17.32 -33.75
C TYR A 111 6.39 -17.61 -34.12
N HIS A 112 6.63 -18.41 -35.16
CA HIS A 112 7.99 -18.82 -35.51
C HIS A 112 8.67 -17.84 -36.45
N ILE A 113 7.98 -17.46 -37.53
CA ILE A 113 8.56 -16.51 -38.49
C ILE A 113 8.85 -15.16 -37.86
N PRO A 114 7.95 -14.56 -37.06
CA PRO A 114 8.33 -13.31 -36.36
C PRO A 114 9.54 -13.44 -35.46
N MET A 115 9.69 -14.58 -34.76
CA MET A 115 10.86 -14.75 -33.91
C MET A 115 12.14 -14.87 -34.72
N PHE A 116 12.08 -15.59 -35.85
CA PHE A 116 13.24 -15.68 -36.72
C PHE A 116 13.60 -14.32 -37.32
N ALA A 117 12.58 -13.54 -37.70
CA ALA A 117 12.83 -12.19 -38.21
C ALA A 117 13.46 -11.31 -37.14
N GLY A 118 13.00 -11.46 -35.89
CA GLY A 118 13.61 -10.70 -34.80
C GLY A 118 15.07 -11.07 -34.59
N PHE A 119 15.38 -12.36 -34.68
CA PHE A 119 16.76 -12.81 -34.56
C PHE A 119 17.62 -12.23 -35.68
N VAL A 120 17.12 -12.25 -36.92
CA VAL A 120 17.87 -11.74 -38.05
C VAL A 120 18.10 -10.24 -37.91
N ILE A 121 17.07 -9.51 -37.47
CA ILE A 121 17.19 -8.07 -37.31
C ILE A 121 18.16 -7.74 -36.18
N MET A 122 18.16 -8.53 -35.11
CA MET A 122 19.10 -8.29 -34.02
C MET A 122 20.53 -8.55 -34.46
N PHE A 123 20.75 -9.60 -35.26
CA PHE A 123 22.08 -9.86 -35.79
C PHE A 123 22.55 -8.75 -36.72
N LEU A 124 21.65 -8.25 -37.56
CA LEU A 124 21.99 -7.12 -38.42
C LEU A 124 22.31 -5.88 -37.60
N SER A 125 21.56 -5.65 -36.52
CA SER A 125 21.80 -4.49 -35.67
C SER A 125 23.16 -4.56 -34.98
N THR A 126 23.52 -5.74 -34.46
CA THR A 126 24.82 -5.84 -33.80
C THR A 126 25.96 -5.75 -34.81
N VAL A 127 25.77 -6.28 -36.03
CA VAL A 127 26.78 -6.13 -37.07
C VAL A 127 26.97 -4.67 -37.43
N MET A 128 25.86 -3.93 -37.58
CA MET A 128 25.95 -2.51 -37.92
C MET A 128 26.60 -1.70 -36.79
N PHE A 129 26.28 -2.04 -35.54
CA PHE A 129 26.95 -1.39 -34.41
C PHE A 129 28.43 -1.70 -34.38
N ALA A 130 28.82 -2.89 -34.86
CA ALA A 130 30.23 -3.30 -34.77
C ALA A 130 31.14 -2.45 -35.64
N PHE A 131 30.61 -1.89 -36.74
CA PHE A 131 31.44 -1.16 -37.69
C PHE A 131 31.10 0.31 -37.83
N SER A 132 29.90 0.74 -37.46
CA SER A 132 29.52 2.13 -37.62
C SER A 132 30.31 3.03 -36.68
N GLY A 133 30.66 4.22 -37.16
CA GLY A 133 31.44 5.16 -36.38
C GLY A 133 31.02 6.61 -36.57
N THR A 134 29.76 6.83 -36.96
CA THR A 134 29.23 8.16 -37.16
C THR A 134 27.87 8.27 -36.48
N TYR A 135 27.45 9.52 -36.22
CA TYR A 135 26.20 9.76 -35.54
C TYR A 135 25.00 9.30 -36.37
N THR A 136 25.03 9.56 -37.69
CA THR A 136 23.91 9.17 -38.53
C THR A 136 23.77 7.66 -38.63
N LEU A 137 24.88 6.93 -38.73
CA LEU A 137 24.85 5.48 -38.82
C LEU A 137 24.57 4.79 -37.49
N LEU A 138 24.70 5.50 -36.38
CA LEU A 138 24.41 4.94 -35.07
C LEU A 138 22.95 5.06 -34.68
N PHE A 139 22.13 5.67 -35.53
CA PHE A 139 20.69 5.81 -35.30
C PHE A 139 19.90 4.72 -35.99
N VAL A 140 20.28 4.36 -37.23
CA VAL A 140 19.59 3.28 -37.94
C VAL A 140 19.80 1.96 -37.24
N ALA A 141 20.99 1.75 -36.66
CA ALA A 141 21.25 0.53 -35.91
C ALA A 141 20.36 0.44 -34.67
N ARG A 142 20.18 1.57 -33.97
CA ARG A 142 19.29 1.58 -32.81
C ARG A 142 17.85 1.32 -33.21
N THR A 143 17.41 1.90 -34.34
CA THR A 143 16.05 1.65 -34.82
C THR A 143 15.85 0.19 -35.18
N LEU A 144 16.84 -0.42 -35.84
CA LEU A 144 16.77 -1.84 -36.18
C LEU A 144 16.73 -2.70 -34.91
N GLN A 145 17.54 -2.34 -33.91
CA GLN A 145 17.52 -3.08 -32.65
C GLN A 145 16.17 -2.96 -31.97
N GLY A 146 15.54 -1.79 -32.04
CA GLY A 146 14.21 -1.64 -31.47
C GLY A 146 13.17 -2.49 -32.18
N ILE A 147 13.23 -2.55 -33.51
CA ILE A 147 12.30 -3.38 -34.27
C ILE A 147 12.49 -4.85 -33.92
N GLY A 148 13.74 -5.29 -33.85
CA GLY A 148 14.01 -6.67 -33.48
C GLY A 148 13.58 -7.00 -32.06
N SER A 149 13.77 -6.06 -31.14
CA SER A 149 13.35 -6.27 -29.76
C SER A 149 11.83 -6.39 -29.66
N SER A 150 11.09 -5.54 -30.38
CA SER A 150 9.64 -5.63 -30.36
C SER A 150 9.15 -6.96 -30.93
N PHE A 151 9.74 -7.37 -32.07
CA PHE A 151 9.39 -8.65 -32.69
C PHE A 151 9.65 -9.82 -31.75
N SER A 152 10.86 -9.86 -31.18
CA SER A 152 11.24 -10.96 -30.31
C SER A 152 10.38 -11.01 -29.06
N SER A 153 10.11 -9.86 -28.44
CA SER A 153 9.33 -9.83 -27.21
C SER A 153 7.90 -10.30 -27.45
N VAL A 154 7.24 -9.74 -28.48
CA VAL A 154 5.84 -10.11 -28.74
C VAL A 154 5.74 -11.58 -29.14
N ALA A 155 6.62 -12.04 -30.04
CA ALA A 155 6.56 -13.43 -30.47
C ALA A 155 6.87 -14.39 -29.33
N GLY A 156 7.87 -14.08 -28.51
CA GLY A 156 8.21 -14.97 -27.40
C GLY A 156 7.12 -15.07 -26.36
N LEU A 157 6.53 -13.93 -25.98
CA LEU A 157 5.46 -13.97 -24.98
C LEU A 157 4.23 -14.66 -25.54
N GLY A 158 3.92 -14.45 -26.82
CA GLY A 158 2.81 -15.16 -27.43
C GLY A 158 3.01 -16.66 -27.47
N MET A 159 4.22 -17.09 -27.83
CA MET A 159 4.51 -18.53 -27.85
C MET A 159 4.45 -19.13 -26.45
N LEU A 160 5.00 -18.43 -25.47
CA LEU A 160 4.99 -18.94 -24.10
C LEU A 160 3.56 -19.04 -23.55
N ALA A 161 2.71 -18.07 -23.91
CA ALA A 161 1.31 -18.18 -23.52
C ALA A 161 0.63 -19.32 -24.26
N SER A 162 1.01 -19.57 -25.51
CA SER A 162 0.34 -20.59 -26.30
C SER A 162 0.65 -22.00 -25.81
N VAL A 163 1.93 -22.29 -25.55
CA VAL A 163 2.30 -23.65 -25.19
C VAL A 163 1.79 -23.99 -23.79
N TYR A 164 1.95 -23.07 -22.84
CA TYR A 164 1.59 -23.31 -21.45
C TYR A 164 0.12 -22.92 -21.26
N THR A 165 -0.68 -23.86 -20.75
CA THR A 165 -2.11 -23.65 -20.59
C THR A 165 -2.53 -23.43 -19.14
N ASP A 166 -1.94 -24.16 -18.20
CA ASP A 166 -2.30 -23.99 -16.79
C ASP A 166 -1.83 -22.62 -16.30
N ASP A 167 -2.74 -21.90 -15.62
CA ASP A 167 -2.43 -20.55 -15.18
C ASP A 167 -1.32 -20.54 -14.14
N HIS A 168 -1.38 -21.45 -13.17
CA HIS A 168 -0.31 -21.54 -12.17
C HIS A 168 1.00 -21.97 -12.81
N GLU A 169 0.95 -22.90 -13.77
CA GLU A 169 2.15 -23.26 -14.52
C GLU A 169 2.60 -22.11 -15.40
N ARG A 170 1.66 -21.37 -15.99
CA ARG A 170 2.00 -20.22 -16.82
C ARG A 170 2.63 -19.09 -16.04
N GLY A 171 2.40 -19.02 -14.73
CA GLY A 171 2.96 -17.96 -13.93
C GLY A 171 4.42 -18.11 -13.59
N ARG A 172 5.05 -19.23 -13.96
CA ARG A 172 6.46 -19.45 -13.69
C ARG A 172 7.34 -19.28 -14.91
N ALA A 173 6.87 -19.67 -16.09
CA ALA A 173 7.65 -19.48 -17.31
C ALA A 173 7.87 -18.01 -17.60
N MET A 174 6.82 -17.19 -17.45
CA MET A 174 6.99 -15.76 -17.67
C MET A 174 7.84 -15.11 -16.58
N GLY A 175 7.79 -15.65 -15.36
CA GLY A 175 8.68 -15.19 -14.32
C GLY A 175 10.14 -15.44 -14.66
N THR A 176 10.45 -16.64 -15.15
CA THR A 176 11.82 -16.92 -15.53
C THR A 176 12.24 -16.14 -16.77
N ALA A 177 11.29 -15.83 -17.66
CA ALA A 177 11.62 -15.00 -18.82
C ALA A 177 11.97 -13.59 -18.40
N LEU A 178 11.18 -13.01 -17.48
CA LEU A 178 11.51 -11.68 -16.97
C LEU A 178 12.82 -11.70 -16.19
N GLY A 179 13.11 -12.81 -15.49
CA GLY A 179 14.40 -12.94 -14.83
C GLY A 179 15.55 -12.94 -15.82
N GLY A 180 15.38 -13.62 -16.95
CA GLY A 180 16.39 -13.59 -17.98
C GLY A 180 16.57 -12.21 -18.58
N LEU A 181 15.47 -11.47 -18.75
CA LEU A 181 15.55 -10.10 -19.22
C LEU A 181 16.33 -9.22 -18.24
N ALA A 182 16.08 -9.39 -16.94
CA ALA A 182 16.82 -8.66 -15.92
C ALA A 182 18.29 -9.05 -15.94
N LEU A 183 18.59 -10.33 -16.15
CA LEU A 183 19.97 -10.78 -16.25
C LEU A 183 20.68 -10.13 -17.43
N GLY A 184 19.99 -10.04 -18.57
CA GLY A 184 20.57 -9.38 -19.72
C GLY A 184 20.85 -7.91 -19.47
N LEU A 185 19.88 -7.20 -18.86
CA LEU A 185 20.09 -5.79 -18.57
C LEU A 185 21.20 -5.59 -17.54
N LEU A 186 21.37 -6.53 -16.62
CA LEU A 186 22.43 -6.40 -15.62
C LEU A 186 23.80 -6.66 -16.22
N VAL A 187 23.90 -7.65 -17.12
CA VAL A 187 25.21 -8.07 -17.62
C VAL A 187 25.64 -7.33 -18.88
N GLY A 188 24.74 -6.61 -19.55
CA GLY A 188 25.13 -5.91 -20.76
C GLY A 188 26.09 -4.76 -20.50
N ALA A 189 25.91 -4.06 -19.39
CA ALA A 189 26.73 -2.86 -19.14
C ALA A 189 28.19 -3.19 -18.86
N PRO A 190 28.54 -3.94 -17.80
CA PRO A 190 29.97 -4.12 -17.49
C PRO A 190 30.71 -4.96 -18.52
N PHE A 191 30.02 -5.90 -19.18
CA PHE A 191 30.65 -6.67 -20.25
C PHE A 191 31.11 -5.77 -21.38
N GLY A 192 30.21 -4.94 -21.89
CA GLY A 192 30.58 -4.02 -22.96
C GLY A 192 31.61 -2.99 -22.52
N SER A 193 31.50 -2.54 -21.26
CA SER A 193 32.45 -1.56 -20.75
C SER A 193 33.87 -2.13 -20.69
N VAL A 194 34.01 -3.35 -20.15
CA VAL A 194 35.33 -3.95 -20.05
C VAL A 194 35.85 -4.33 -21.44
N MET A 195 34.96 -4.71 -22.35
CA MET A 195 35.40 -5.05 -23.70
C MET A 195 35.92 -3.82 -24.44
N TYR A 196 35.21 -2.69 -24.31
CA TYR A 196 35.68 -1.46 -24.92
C TYR A 196 36.98 -0.99 -24.28
N GLU A 197 37.08 -1.09 -22.95
CA GLU A 197 38.27 -0.56 -22.26
C GLU A 197 39.50 -1.42 -22.52
N PHE A 198 39.33 -2.72 -22.72
CA PHE A 198 40.45 -3.64 -22.74
C PHE A 198 40.79 -4.17 -24.14
N VAL A 199 39.79 -4.45 -24.97
CA VAL A 199 40.04 -5.09 -26.25
C VAL A 199 39.70 -4.20 -27.44
N GLY A 200 38.73 -3.31 -27.34
CA GLY A 200 38.37 -2.42 -28.42
C GLY A 200 36.86 -2.26 -28.55
N LYS A 201 36.48 -1.40 -29.50
CA LYS A 201 35.07 -1.10 -29.71
C LYS A 201 34.35 -2.23 -30.44
N SER A 202 35.04 -2.92 -31.33
CA SER A 202 34.41 -3.97 -32.13
C SER A 202 34.40 -5.34 -31.45
N ALA A 203 35.03 -5.45 -30.26
CA ALA A 203 35.07 -6.76 -29.60
C ALA A 203 33.72 -7.19 -29.05
N PRO A 204 33.08 -6.44 -28.15
CA PRO A 204 31.82 -6.93 -27.55
C PRO A 204 30.67 -7.06 -28.54
N PHE A 205 30.61 -6.19 -29.54
CA PHE A 205 29.58 -6.32 -30.56
C PHE A 205 29.79 -7.59 -31.40
N LEU A 206 31.04 -7.91 -31.71
CA LEU A 206 31.33 -9.15 -32.42
C LEU A 206 30.99 -10.37 -31.58
N ILE A 207 31.28 -10.32 -30.28
CA ILE A 207 30.94 -11.44 -29.40
C ILE A 207 29.43 -11.61 -29.31
N LEU A 208 28.70 -10.50 -29.23
CA LEU A 208 27.24 -10.56 -29.23
C LEU A 208 26.71 -11.11 -30.55
N ALA A 209 27.37 -10.78 -31.66
CA ALA A 209 26.97 -11.33 -32.96
C ALA A 209 27.18 -12.84 -33.00
N PHE A 210 28.30 -13.32 -32.45
CA PHE A 210 28.55 -14.75 -32.38
C PHE A 210 27.51 -15.46 -31.50
N LEU A 211 27.17 -14.85 -30.36
CA LEU A 211 26.13 -15.42 -29.51
C LEU A 211 24.77 -15.42 -30.20
N ALA A 212 24.48 -14.38 -30.99
CA ALA A 212 23.24 -14.34 -31.75
C ALA A 212 23.23 -15.43 -32.81
N LEU A 213 24.38 -15.70 -33.44
CA LEU A 213 24.46 -16.81 -34.39
C LEU A 213 24.19 -18.15 -33.71
N LEU A 214 24.74 -18.33 -32.50
CA LEU A 214 24.46 -19.56 -31.75
C LEU A 214 22.98 -19.66 -31.40
N ASP A 215 22.36 -18.55 -31.01
CA ASP A 215 20.95 -18.55 -30.68
C ASP A 215 20.09 -18.87 -31.90
N GLY A 216 20.46 -18.32 -33.06
CA GLY A 216 19.72 -18.64 -34.28
C GLY A 216 19.88 -20.09 -34.69
N ALA A 217 21.08 -20.66 -34.50
CA ALA A 217 21.28 -22.07 -34.76
C ALA A 217 20.41 -22.92 -33.84
N LEU A 218 20.32 -22.55 -32.56
CA LEU A 218 19.45 -23.26 -31.63
C LEU A 218 17.98 -23.14 -32.06
N GLN A 219 17.58 -21.95 -32.51
CA GLN A 219 16.21 -21.72 -32.95
C GLN A 219 15.87 -22.59 -34.16
N LEU A 220 16.78 -22.66 -35.13
CA LEU A 220 16.57 -23.55 -36.27
C LEU A 220 16.56 -25.01 -35.84
N CYS A 221 17.32 -25.35 -34.80
CA CYS A 221 17.37 -26.73 -34.34
C CYS A 221 16.03 -27.16 -33.73
N ILE A 222 15.49 -26.35 -32.82
CA ILE A 222 14.30 -26.75 -32.05
C ILE A 222 13.00 -26.29 -32.71
N LEU A 223 12.88 -24.99 -33.01
CA LEU A 223 11.60 -24.46 -33.48
C LEU A 223 11.34 -24.80 -34.95
N GLN A 224 12.39 -24.91 -35.75
CA GLN A 224 12.30 -25.07 -37.20
C GLN A 224 11.52 -23.94 -37.86
N PRO A 225 12.04 -22.70 -37.89
CA PRO A 225 11.27 -21.64 -38.59
C PRO A 225 11.34 -21.80 -40.10
N SER A 226 10.59 -22.77 -40.64
CA SER A 226 10.61 -23.04 -42.06
C SER A 226 9.23 -23.07 -42.71
N PRO A 230 -0.86 -20.79 -39.83
CA PRO A 230 -1.90 -19.89 -39.33
C PRO A 230 -2.69 -20.53 -38.19
N GLU A 231 -2.99 -19.73 -37.17
CA GLU A 231 -3.76 -20.22 -36.04
C GLU A 231 -5.18 -20.54 -36.46
N SER A 232 -5.69 -21.68 -35.97
CA SER A 232 -7.05 -22.08 -36.31
C SER A 232 -8.08 -21.11 -35.76
N ALA A 233 -7.90 -20.66 -34.52
CA ALA A 233 -8.84 -19.73 -33.91
C ALA A 233 -8.56 -18.31 -34.40
N LYS A 234 -9.61 -17.62 -34.83
CA LYS A 234 -9.51 -16.25 -35.30
C LYS A 234 -9.55 -15.32 -34.09
N GLY A 235 -8.41 -14.70 -33.77
CA GLY A 235 -8.35 -13.84 -32.61
C GLY A 235 -9.16 -12.56 -32.79
N THR A 236 -9.54 -11.99 -31.66
CA THR A 236 -10.34 -10.77 -31.68
C THR A 236 -9.51 -9.60 -32.20
N PRO A 237 -10.15 -8.62 -32.82
CA PRO A 237 -9.42 -7.43 -33.28
C PRO A 237 -8.86 -6.63 -32.12
N LEU A 238 -7.77 -5.91 -32.40
CA LEU A 238 -7.08 -5.17 -31.35
C LEU A 238 -7.91 -4.01 -30.82
N PHE A 239 -8.81 -3.46 -31.64
CA PHE A 239 -9.58 -2.30 -31.19
C PHE A 239 -10.64 -2.68 -30.16
N MET A 240 -11.11 -3.92 -30.17
CA MET A 240 -12.10 -4.35 -29.19
C MET A 240 -11.48 -4.64 -27.84
N LEU A 241 -10.25 -5.14 -27.81
CA LEU A 241 -9.59 -5.45 -26.55
C LEU A 241 -9.14 -4.20 -25.80
N LEU A 242 -9.13 -3.04 -26.46
CA LEU A 242 -8.84 -1.78 -25.80
C LEU A 242 -10.06 -1.15 -25.15
N LYS A 243 -11.18 -1.88 -25.08
CA LYS A 243 -12.39 -1.40 -24.41
C LYS A 243 -12.70 -2.18 -23.14
N ASP A 244 -12.14 -3.36 -22.97
CA ASP A 244 -12.31 -4.11 -21.73
C ASP A 244 -11.59 -3.39 -20.60
N PRO A 245 -12.28 -3.03 -19.52
CA PRO A 245 -11.63 -2.25 -18.45
C PRO A 245 -10.49 -2.97 -17.76
N TYR A 246 -10.55 -4.29 -17.62
CA TYR A 246 -9.49 -5.02 -16.94
C TYR A 246 -8.18 -4.97 -17.72
N ILE A 247 -8.26 -5.09 -19.05
CA ILE A 247 -7.07 -5.01 -19.90
C ILE A 247 -6.46 -3.61 -19.81
N LEU A 248 -7.30 -2.58 -19.80
CA LEU A 248 -6.81 -1.21 -19.66
C LEU A 248 -6.15 -0.99 -18.30
N VAL A 249 -6.72 -1.57 -17.24
CA VAL A 249 -6.14 -1.43 -15.90
C VAL A 249 -4.77 -2.09 -15.84
N ALA A 250 -4.65 -3.31 -16.40
CA ALA A 250 -3.38 -4.00 -16.39
C ALA A 250 -2.32 -3.27 -17.22
N ALA A 251 -2.71 -2.79 -18.41
CA ALA A 251 -1.79 -2.06 -19.26
C ALA A 251 -1.34 -0.76 -18.60
N GLY A 252 -2.27 -0.05 -17.98
CA GLY A 252 -1.91 1.16 -17.27
C GLY A 252 -1.02 0.90 -16.07
N SER A 253 -1.22 -0.25 -15.40
CA SER A 253 -0.36 -0.60 -14.27
C SER A 253 1.08 -0.82 -14.71
N ILE A 254 1.27 -1.61 -15.76
CA ILE A 254 2.62 -1.86 -16.28
C ILE A 254 3.24 -0.57 -16.80
N CYS A 255 2.43 0.24 -17.49
CA CYS A 255 2.92 1.51 -18.04
C CYS A 255 3.36 2.47 -16.95
N PHE A 256 2.59 2.57 -15.86
CA PHE A 256 2.93 3.50 -14.79
C PHE A 256 4.17 3.04 -14.04
N ALA A 257 4.28 1.74 -13.74
CA ALA A 257 5.46 1.24 -13.05
C ALA A 257 6.72 1.43 -13.90
N ASN A 258 6.62 1.12 -15.19
CA ASN A 258 7.76 1.29 -16.08
C ASN A 258 8.08 2.76 -16.31
N MET A 259 7.26 3.66 -15.78
CA MET A 259 7.60 5.10 -15.89
C MET A 259 8.47 5.52 -14.72
N GLY A 260 8.62 4.71 -13.71
CA GLY A 260 9.36 5.15 -12.53
C GLY A 260 10.84 4.88 -12.71
N VAL A 261 11.22 3.67 -13.08
CA VAL A 261 12.64 3.34 -13.34
C VAL A 261 13.09 4.10 -14.58
N ALA A 262 12.19 4.32 -15.54
CA ALA A 262 12.55 5.16 -16.69
C ALA A 262 12.88 6.60 -16.25
N ILE A 263 11.88 7.36 -15.83
CA ILE A 263 12.11 8.79 -15.51
C ILE A 263 13.07 8.92 -14.35
N LEU A 264 13.53 7.81 -13.77
CA LEU A 264 14.57 7.99 -12.77
C LEU A 264 15.97 7.89 -13.37
N GLU A 265 16.17 7.00 -14.33
CA GLU A 265 17.52 6.69 -14.80
C GLU A 265 18.21 7.85 -15.49
N PRO A 266 17.64 8.49 -16.52
CA PRO A 266 18.37 9.58 -17.19
C PRO A 266 18.54 10.83 -16.34
N THR A 267 17.64 11.09 -15.41
CA THR A 267 17.68 12.32 -14.62
C THR A 267 18.34 12.14 -13.26
N LEU A 268 18.78 10.94 -12.92
CA LEU A 268 19.42 10.70 -11.64
C LEU A 268 20.88 11.14 -11.60
N PRO A 269 21.72 10.80 -12.61
CA PRO A 269 23.11 11.29 -12.60
C PRO A 269 23.24 12.80 -12.61
N ILE A 270 22.32 13.50 -13.27
CA ILE A 270 22.37 14.96 -13.31
C ILE A 270 22.17 15.53 -11.91
N TRP A 271 21.16 15.05 -11.20
CA TRP A 271 20.93 15.52 -9.84
C TRP A 271 22.05 15.10 -8.90
N MET A 272 22.61 13.90 -9.12
CA MET A 272 23.72 13.44 -8.29
C MET A 272 24.93 14.35 -8.46
N MET A 273 25.26 14.71 -9.69
CA MET A 273 26.36 15.63 -9.93
C MET A 273 26.05 17.02 -9.39
N GLN A 274 24.80 17.46 -9.48
CA GLN A 274 24.46 18.82 -9.08
C GLN A 274 24.47 18.97 -7.56
N THR A 275 24.06 17.94 -6.83
CA THR A 275 23.91 18.05 -5.38
C THR A 275 24.95 17.24 -4.60
N MET A 276 25.06 15.94 -4.85
CA MET A 276 25.95 15.10 -4.08
C MET A 276 27.43 15.28 -4.44
N CYS A 277 27.73 15.68 -5.67
CA CYS A 277 29.10 15.89 -6.14
C CYS A 277 29.89 14.58 -6.09
N SER A 278 29.41 13.59 -6.84
CA SER A 278 30.05 12.29 -6.83
C SER A 278 30.93 12.11 -8.06
N PRO A 279 31.98 11.31 -7.94
CA PRO A 279 32.84 11.02 -9.09
C PRO A 279 32.09 10.23 -10.16
N LYS A 280 32.73 10.14 -11.33
CA LYS A 280 32.08 9.53 -12.49
C LYS A 280 31.88 8.04 -12.35
N TRP A 281 32.62 7.37 -11.46
CA TRP A 281 32.53 5.92 -11.38
C TRP A 281 31.39 5.42 -10.49
N GLN A 282 30.62 6.32 -9.89
CA GLN A 282 29.52 5.92 -9.03
C GLN A 282 28.16 6.03 -9.71
N LEU A 283 28.06 6.75 -10.82
CA LEU A 283 26.79 6.94 -11.50
C LEU A 283 26.24 5.61 -12.03
N GLY A 284 27.10 4.80 -12.62
CA GLY A 284 26.68 3.48 -13.04
C GLY A 284 26.35 2.56 -11.88
N LEU A 285 27.15 2.65 -10.81
CA LEU A 285 26.96 1.76 -9.66
C LEU A 285 25.70 2.09 -8.87
N ALA A 286 25.17 3.31 -9.00
CA ALA A 286 23.97 3.68 -8.26
C ALA A 286 22.76 2.85 -8.68
N PHE A 287 22.63 2.55 -9.98
CA PHE A 287 21.46 1.85 -10.49
C PHE A 287 21.61 0.34 -10.47
N LEU A 288 22.78 -0.18 -10.05
CA LEU A 288 22.97 -1.63 -9.94
C LEU A 288 22.03 -2.30 -8.95
N PRO A 289 21.82 -1.76 -7.73
CA PRO A 289 20.85 -2.40 -6.81
C PRO A 289 19.45 -2.49 -7.37
N ALA A 290 19.03 -1.55 -8.21
CA ALA A 290 17.72 -1.65 -8.84
C ALA A 290 17.63 -2.88 -9.74
N SER A 291 18.66 -3.14 -10.54
CA SER A 291 18.64 -4.29 -11.42
C SER A 291 18.71 -5.60 -10.64
N VAL A 292 19.56 -5.65 -9.59
CA VAL A 292 19.69 -6.87 -8.80
C VAL A 292 18.37 -7.19 -8.09
N SER A 293 17.77 -6.17 -7.47
CA SER A 293 16.50 -6.36 -6.79
C SER A 293 15.39 -6.68 -7.78
N TYR A 294 15.46 -6.16 -9.01
CA TYR A 294 14.48 -6.51 -10.04
C TYR A 294 14.57 -7.99 -10.39
N LEU A 295 15.79 -8.52 -10.53
CA LEU A 295 15.96 -9.94 -10.83
C LEU A 295 15.41 -10.82 -9.71
N ILE A 296 15.80 -10.49 -8.46
CA ILE A 296 15.35 -11.28 -7.32
C ILE A 296 13.83 -11.22 -7.18
N GLY A 297 13.27 -10.02 -7.31
CA GLY A 297 11.83 -9.85 -7.18
C GLY A 297 11.07 -10.57 -8.28
N THR A 298 11.54 -10.48 -9.53
CA THR A 298 10.80 -11.11 -10.61
C THR A 298 10.81 -12.63 -10.47
N ASN A 299 11.95 -13.23 -10.08
CA ASN A 299 11.98 -14.68 -9.89
C ASN A 299 11.08 -15.11 -8.73
N LEU A 300 11.28 -14.49 -7.54
CA LEU A 300 10.55 -14.93 -6.36
C LEU A 300 9.05 -14.66 -6.49
N PHE A 301 8.67 -13.56 -7.12
CA PHE A 301 7.25 -13.24 -7.18
C PHE A 301 6.57 -13.86 -8.38
N GLY A 302 7.30 -14.26 -9.42
CA GLY A 302 6.75 -15.22 -10.34
C GLY A 302 6.44 -16.54 -9.67
N VAL A 303 7.28 -16.92 -8.71
CA VAL A 303 6.97 -18.10 -7.90
C VAL A 303 5.72 -17.87 -7.05
N LEU A 304 5.63 -16.71 -6.39
CA LEU A 304 4.67 -16.48 -5.32
C LEU A 304 3.35 -15.84 -5.76
N ALA A 305 3.22 -15.42 -7.02
CA ALA A 305 2.04 -14.66 -7.42
C ALA A 305 0.78 -15.51 -7.43
N ASN A 306 0.89 -16.77 -7.89
CA ASN A 306 -0.27 -17.63 -7.95
C ASN A 306 -0.79 -17.97 -6.55
N LYS A 307 0.10 -17.99 -5.56
CA LYS A 307 -0.31 -18.30 -4.20
C LYS A 307 -0.87 -17.06 -3.50
N MET A 308 -0.07 -16.01 -3.39
CA MET A 308 -0.46 -14.87 -2.56
C MET A 308 -1.58 -14.04 -3.19
N GLY A 309 -1.66 -13.97 -4.51
CA GLY A 309 -2.76 -13.22 -5.13
C GLY A 309 -2.21 -12.21 -6.12
N ARG A 310 -2.80 -12.19 -7.31
CA ARG A 310 -2.32 -11.31 -8.37
C ARG A 310 -2.62 -9.86 -8.06
N TRP A 311 -3.87 -9.56 -7.67
CA TRP A 311 -4.25 -8.17 -7.42
C TRP A 311 -3.53 -7.62 -6.19
N LEU A 312 -3.37 -8.43 -5.16
CA LEU A 312 -2.62 -7.99 -3.98
C LEU A 312 -1.15 -7.79 -4.32
N CYS A 313 -0.60 -8.65 -5.18
CA CYS A 313 0.78 -8.50 -5.63
C CYS A 313 0.97 -7.18 -6.37
N SER A 314 0.07 -6.88 -7.31
CA SER A 314 0.17 -5.63 -8.06
C SER A 314 -0.01 -4.42 -7.15
N LEU A 315 -0.94 -4.48 -6.21
CA LEU A 315 -1.20 -3.36 -5.31
C LEU A 315 0.00 -3.09 -4.41
N ILE A 316 0.58 -4.14 -3.84
CA ILE A 316 1.74 -3.96 -2.97
C ILE A 316 2.94 -3.47 -3.78
N GLY A 317 3.11 -3.97 -5.01
CA GLY A 317 4.20 -3.49 -5.85
C GLY A 317 4.05 -2.02 -6.19
N MET A 318 2.84 -1.59 -6.52
CA MET A 318 2.60 -0.18 -6.82
C MET A 318 2.85 0.70 -5.60
N LEU A 319 2.40 0.26 -4.42
CA LEU A 319 2.63 1.05 -3.21
C LEU A 319 4.11 1.14 -2.90
N VAL A 320 4.85 0.03 -3.07
CA VAL A 320 6.27 0.03 -2.79
C VAL A 320 7.02 0.94 -3.77
N VAL A 321 6.67 0.89 -5.06
CA VAL A 321 7.37 1.72 -6.03
C VAL A 321 7.04 3.19 -5.80
N GLY A 322 5.78 3.51 -5.44
CA GLY A 322 5.43 4.89 -5.17
C GLY A 322 6.16 5.45 -3.96
N THR A 323 6.21 4.67 -2.87
CA THR A 323 6.93 5.14 -1.69
C THR A 323 8.43 5.22 -1.95
N SER A 324 8.98 4.31 -2.75
CA SER A 324 10.40 4.37 -3.08
C SER A 324 10.72 5.61 -3.90
N LEU A 325 9.86 5.96 -4.86
CA LEU A 325 10.06 7.19 -5.62
C LEU A 325 9.92 8.41 -4.73
N LEU A 326 9.01 8.36 -3.75
CA LEU A 326 8.88 9.47 -2.81
C LEU A 326 10.14 9.64 -1.97
N CYS A 327 10.73 8.53 -1.53
CA CYS A 327 11.89 8.58 -0.64
C CYS A 327 13.22 8.69 -1.38
N VAL A 328 13.22 8.58 -2.71
CA VAL A 328 14.47 8.71 -3.48
C VAL A 328 15.14 10.08 -3.33
N PRO A 329 14.45 11.21 -3.55
CA PRO A 329 15.16 12.50 -3.55
C PRO A 329 15.59 13.02 -2.18
N LEU A 330 15.45 12.26 -1.11
CA LEU A 330 15.89 12.71 0.20
C LEU A 330 17.33 12.35 0.52
N ALA A 331 17.98 11.56 -0.32
CA ALA A 331 19.33 11.09 -0.03
C ALA A 331 20.33 12.23 -0.12
N HIS A 332 21.29 12.23 0.80
CA HIS A 332 22.37 13.21 0.83
C HIS A 332 23.71 12.63 0.44
N ASN A 333 23.75 11.37 -0.01
CA ASN A 333 24.98 10.74 -0.47
C ASN A 333 24.60 9.53 -1.32
N ILE A 334 25.63 8.85 -1.84
CA ILE A 334 25.39 7.70 -2.70
C ILE A 334 24.78 6.55 -1.90
N PHE A 335 25.11 6.43 -0.63
CA PHE A 335 24.59 5.34 0.20
C PHE A 335 23.12 5.52 0.56
N GLY A 336 22.55 6.70 0.32
CA GLY A 336 21.14 6.89 0.59
C GLY A 336 20.21 6.34 -0.47
N LEU A 337 20.75 5.89 -1.60
CA LEU A 337 19.93 5.36 -2.68
C LEU A 337 19.97 3.84 -2.79
N ILE A 338 20.65 3.15 -1.86
CA ILE A 338 20.74 1.70 -1.94
C ILE A 338 19.38 1.07 -1.62
N GLY A 339 18.70 1.58 -0.61
CA GLY A 339 17.43 1.03 -0.18
C GLY A 339 16.27 1.29 -1.12
N PRO A 340 16.00 2.58 -1.41
CA PRO A 340 14.89 2.90 -2.32
C PRO A 340 15.01 2.29 -3.71
N ASN A 341 16.22 2.20 -4.26
CA ASN A 341 16.38 1.60 -5.57
C ASN A 341 16.09 0.10 -5.52
N ALA A 342 16.53 -0.57 -4.46
CA ALA A 342 16.24 -2.00 -4.32
C ALA A 342 14.74 -2.25 -4.17
N GLY A 343 14.08 -1.42 -3.36
CA GLY A 343 12.62 -1.54 -3.25
C GLY A 343 11.92 -1.27 -4.56
N LEU A 344 12.40 -0.28 -5.32
CA LEU A 344 11.83 0.05 -6.62
C LEU A 344 11.95 -1.12 -7.59
N GLY A 345 13.14 -1.71 -7.66
CA GLY A 345 13.34 -2.85 -8.55
C GLY A 345 12.51 -4.06 -8.16
N LEU A 346 12.44 -4.35 -6.87
CA LEU A 346 11.64 -5.48 -6.40
C LEU A 346 10.16 -5.26 -6.68
N ALA A 347 9.66 -4.04 -6.45
CA ALA A 347 8.25 -3.75 -6.69
C ALA A 347 7.92 -3.81 -8.17
N ILE A 348 8.83 -3.36 -9.03
CA ILE A 348 8.57 -3.39 -10.46
C ILE A 348 8.59 -4.82 -10.98
N GLY A 349 9.51 -5.65 -10.48
CA GLY A 349 9.47 -7.06 -10.82
C GLY A 349 8.19 -7.73 -10.33
N MET A 350 7.72 -7.34 -9.14
CA MET A 350 6.45 -7.81 -8.60
C MET A 350 5.30 -7.49 -9.53
N VAL A 351 5.21 -6.23 -9.96
CA VAL A 351 4.11 -5.79 -10.80
C VAL A 351 4.18 -6.45 -12.17
N ASP A 352 5.38 -6.58 -12.74
CA ASP A 352 5.52 -7.18 -14.05
C ASP A 352 5.14 -8.67 -14.04
N SER A 353 5.65 -9.41 -13.05
CA SER A 353 5.31 -10.83 -12.98
C SER A 353 3.86 -11.06 -12.60
N SER A 354 3.25 -10.12 -11.88
CA SER A 354 1.82 -10.26 -11.56
C SER A 354 0.94 -9.95 -12.75
N MET A 355 1.31 -8.96 -13.56
CA MET A 355 0.45 -8.51 -14.65
C MET A 355 0.75 -9.18 -15.98
N MET A 356 1.82 -9.98 -16.08
CA MET A 356 2.03 -10.75 -17.31
C MET A 356 0.98 -11.84 -17.51
N PRO A 357 0.85 -12.84 -16.63
CA PRO A 357 -0.11 -13.92 -16.91
C PRO A 357 -1.56 -13.49 -16.81
N ILE A 358 -1.85 -12.38 -16.14
CA ILE A 358 -3.24 -11.95 -15.96
C ILE A 358 -3.86 -11.55 -17.28
N MET A 359 -3.05 -11.08 -18.24
CA MET A 359 -3.58 -10.74 -19.56
C MET A 359 -4.10 -11.98 -20.27
N GLY A 360 -3.29 -13.05 -20.28
CA GLY A 360 -3.76 -14.30 -20.86
C GLY A 360 -4.92 -14.90 -20.10
N HIS A 361 -4.94 -14.73 -18.78
CA HIS A 361 -6.05 -15.21 -17.98
C HIS A 361 -7.35 -14.50 -18.36
N LEU A 362 -7.29 -13.18 -18.52
CA LEU A 362 -8.47 -12.42 -18.95
C LEU A 362 -8.89 -12.80 -20.36
N VAL A 363 -7.93 -13.00 -21.25
CA VAL A 363 -8.25 -13.37 -22.63
C VAL A 363 -8.92 -14.73 -22.68
N ASP A 364 -8.51 -15.66 -21.82
CA ASP A 364 -9.18 -16.96 -21.74
C ASP A 364 -10.54 -16.83 -21.07
N LEU A 365 -10.67 -15.94 -20.09
CA LEU A 365 -11.91 -15.81 -19.35
C LEU A 365 -13.03 -15.23 -20.23
N ARG A 366 -12.72 -14.19 -21.00
CA ARG A 366 -13.76 -13.45 -21.71
C ARG A 366 -13.72 -13.63 -23.22
N HIS A 367 -12.59 -13.35 -23.86
CA HIS A 367 -12.50 -13.33 -25.31
C HIS A 367 -11.99 -14.68 -25.82
N THR A 368 -11.66 -14.73 -27.12
CA THR A 368 -11.19 -15.94 -27.74
C THR A 368 -9.74 -16.22 -27.34
N SER A 369 -9.32 -17.47 -27.51
CA SER A 369 -7.99 -17.92 -27.09
C SER A 369 -6.97 -17.56 -28.18
N VAL A 370 -6.57 -16.29 -28.19
CA VAL A 370 -5.50 -15.80 -29.04
C VAL A 370 -4.72 -14.75 -28.26
N TYR A 371 -3.41 -14.92 -28.15
CA TYR A 371 -2.61 -14.18 -27.18
C TYR A 371 -1.69 -13.15 -27.79
N GLY A 372 -1.71 -12.98 -29.12
CA GLY A 372 -0.77 -12.05 -29.74
C GLY A 372 -1.08 -10.59 -29.42
N SER A 373 -2.34 -10.20 -29.55
CA SER A 373 -2.70 -8.79 -29.44
C SER A 373 -2.56 -8.29 -28.00
N VAL A 374 -2.90 -9.12 -27.01
CA VAL A 374 -2.86 -8.67 -25.63
C VAL A 374 -1.42 -8.45 -25.18
N TYR A 375 -0.50 -9.32 -25.60
CA TYR A 375 0.90 -9.08 -25.26
C TYR A 375 1.53 -8.03 -26.15
N ALA A 376 0.98 -7.75 -27.33
CA ALA A 376 1.36 -6.55 -28.06
C ALA A 376 1.01 -5.30 -27.26
N ILE A 377 -0.17 -5.29 -26.65
CA ILE A 377 -0.57 -4.18 -25.79
C ILE A 377 0.35 -4.09 -24.57
N ALA A 378 0.75 -5.24 -24.03
CA ALA A 378 1.67 -5.25 -22.91
C ALA A 378 3.03 -4.66 -23.28
N ASP A 379 3.54 -5.01 -24.48
CA ASP A 379 4.80 -4.43 -24.93
C ASP A 379 4.66 -2.94 -25.22
N VAL A 380 3.49 -2.51 -25.70
CA VAL A 380 3.23 -1.08 -25.87
C VAL A 380 3.30 -0.35 -24.55
N ALA A 381 2.68 -0.92 -23.51
CA ALA A 381 2.76 -0.35 -22.18
C ALA A 381 4.18 -0.34 -21.63
N PHE A 382 4.95 -1.38 -21.88
CA PHE A 382 6.37 -1.42 -21.51
C PHE A 382 7.19 -0.34 -22.20
N CYS A 383 6.96 -0.10 -23.49
CA CYS A 383 7.81 0.79 -24.27
C CYS A 383 7.38 2.25 -24.20
N MET A 384 6.13 2.54 -23.84
CA MET A 384 5.67 3.92 -23.81
C MET A 384 6.41 4.73 -22.73
N GLY A 385 6.59 4.15 -21.55
CA GLY A 385 7.33 4.83 -20.51
C GLY A 385 8.78 5.07 -20.85
N PHE A 386 9.40 4.14 -21.55
CA PHE A 386 10.79 4.27 -21.95
C PHE A 386 10.98 5.20 -23.12
N ALA A 387 9.96 5.40 -23.96
CA ALA A 387 10.03 6.36 -25.04
C ALA A 387 9.65 7.78 -24.62
N ILE A 388 8.86 7.92 -23.57
CA ILE A 388 8.48 9.26 -23.12
C ILE A 388 9.50 9.80 -22.11
N GLY A 389 10.14 8.92 -21.34
CA GLY A 389 10.96 9.32 -20.23
C GLY A 389 12.22 10.10 -20.57
N PRO A 390 13.16 9.46 -21.25
CA PRO A 390 14.45 10.11 -21.53
C PRO A 390 14.36 11.39 -22.36
N SER A 391 13.39 11.48 -23.28
CA SER A 391 13.34 12.63 -24.17
C SER A 391 12.83 13.89 -23.48
N THR A 392 12.03 13.76 -22.43
CA THR A 392 11.42 14.91 -21.79
C THR A 392 11.79 15.08 -20.32
N GLY A 393 12.49 14.12 -19.72
CA GLY A 393 12.78 14.20 -18.30
C GLY A 393 13.68 15.37 -17.94
N GLY A 394 14.66 15.66 -18.78
CA GLY A 394 15.48 16.84 -18.57
C GLY A 394 14.67 18.11 -18.67
N ALA A 395 13.69 18.14 -19.58
CA ALA A 395 12.81 19.30 -19.69
C ALA A 395 11.97 19.51 -18.44
N ILE A 396 11.40 18.43 -17.91
CA ILE A 396 10.60 18.56 -16.68
C ILE A 396 11.48 18.95 -15.51
N VAL A 397 12.72 18.43 -15.45
CA VAL A 397 13.62 18.78 -14.36
C VAL A 397 14.01 20.24 -14.44
N LYS A 398 14.28 20.74 -15.65
CA LYS A 398 14.62 22.16 -15.81
C LYS A 398 13.42 23.05 -15.52
N ALA A 399 12.20 22.57 -15.78
CA ALA A 399 11.03 23.39 -15.56
C ALA A 399 10.63 23.45 -14.09
N ILE A 400 10.27 22.31 -13.50
CA ILE A 400 9.73 22.27 -12.15
C ILE A 400 10.75 21.76 -11.14
N GLY A 401 11.44 20.67 -11.45
CA GLY A 401 12.45 20.14 -10.56
C GLY A 401 12.43 18.63 -10.43
N PHE A 402 13.59 18.05 -10.14
CA PHE A 402 13.69 16.62 -9.92
C PHE A 402 12.86 16.12 -8.73
N PRO A 403 12.94 16.73 -7.54
CA PRO A 403 12.08 16.25 -6.43
C PRO A 403 10.60 16.34 -6.72
N TRP A 404 10.16 17.38 -7.42
CA TRP A 404 8.74 17.49 -7.76
C TRP A 404 8.34 16.41 -8.74
N LEU A 405 9.21 16.08 -9.70
CA LEU A 405 8.92 15.02 -10.65
C LEU A 405 8.81 13.67 -9.95
N MET A 406 9.73 13.40 -9.01
CA MET A 406 9.68 12.14 -8.27
C MET A 406 8.42 12.07 -7.41
N VAL A 407 8.05 13.18 -6.77
CA VAL A 407 6.84 13.21 -5.94
C VAL A 407 5.61 12.99 -6.80
N ILE A 408 5.58 13.58 -8.00
CA ILE A 408 4.44 13.41 -8.90
C ILE A 408 4.30 11.95 -9.32
N THR A 409 5.42 11.32 -9.70
CA THR A 409 5.37 9.92 -10.12
C THR A 409 4.93 9.00 -8.99
N GLY A 410 5.60 9.25 -7.85
CA GLY A 410 5.29 8.58 -6.60
C GLY A 410 3.83 8.75 -6.34
N VAL A 411 3.33 9.96 -6.28
CA VAL A 411 1.90 10.14 -5.98
C VAL A 411 1.06 9.51 -7.07
N ILE A 412 1.41 9.55 -8.34
CA ILE A 412 0.47 8.90 -9.31
C ILE A 412 0.37 7.40 -9.02
N ASN A 413 1.49 6.73 -8.77
CA ASN A 413 1.46 5.28 -8.42
C ASN A 413 0.72 5.08 -7.10
N ILE A 414 0.97 5.85 -6.03
CA ILE A 414 0.23 5.54 -4.76
C ILE A 414 -1.26 5.80 -4.93
N VAL A 415 -1.65 6.79 -5.73
CA VAL A 415 -3.07 7.24 -5.86
C VAL A 415 -3.77 6.44 -6.95
N TYR A 416 -3.05 5.49 -7.53
CA TYR A 416 -3.59 4.65 -8.63
C TYR A 416 -3.76 3.24 -8.12
N ALA A 417 -3.03 2.83 -7.08
CA ALA A 417 -3.01 1.40 -6.72
C ALA A 417 -4.40 0.83 -6.44
N PRO A 418 -5.31 1.43 -5.67
CA PRO A 418 -6.56 0.80 -5.34
C PRO A 418 -7.42 0.47 -6.54
N LEU A 419 -7.04 0.88 -7.74
CA LEU A 419 -7.86 0.50 -8.91
C LEU A 419 -7.68 -0.95 -9.32
N CYS A 420 -6.57 -1.58 -8.89
CA CYS A 420 -6.19 -3.00 -9.14
C CYS A 420 -7.17 -4.01 -8.52
N TYR A 421 -7.76 -3.68 -7.38
CA TYR A 421 -8.74 -4.55 -6.71
C TYR A 421 -9.77 -4.96 -7.74
N TYR A 422 -9.79 -4.32 -8.90
CA TYR A 422 -10.82 -4.76 -9.84
C TYR A 422 -10.47 -6.07 -10.53
N LEU A 423 -9.19 -6.45 -10.58
CA LEU A 423 -8.76 -7.67 -11.25
C LEU A 423 -8.85 -8.91 -10.35
N ARG A 424 -9.64 -8.83 -9.28
CA ARG A 424 -9.76 -9.97 -8.38
C ARG A 424 -10.47 -11.15 -9.04
N SER A 425 -11.60 -10.89 -9.68
CA SER A 425 -12.38 -11.95 -10.31
C SER A 425 -13.27 -11.38 -11.39
N PRO A 426 -12.76 -11.21 -12.61
CA PRO A 426 -13.59 -10.70 -13.70
C PRO A 426 -14.67 -11.68 -14.08
N PRO A 427 -15.87 -11.20 -14.40
CA PRO A 427 -16.94 -12.11 -14.84
C PRO A 427 -16.61 -12.72 -16.19
N ALA A 428 -17.11 -13.94 -16.40
CA ALA A 428 -16.87 -14.65 -17.64
C ALA A 428 -17.85 -14.20 -18.71
N LYS A 429 -17.54 -14.55 -19.96
CA LYS A 429 -18.43 -14.24 -21.07
C LYS A 429 -19.68 -15.11 -21.01
N GLU A 430 -20.72 -14.66 -21.71
CA GLU A 430 -21.97 -15.40 -21.75
C GLU A 430 -21.78 -16.72 -22.47
N GLU A 431 -22.37 -17.78 -21.92
CA GLU A 431 -22.26 -19.11 -22.51
C GLU A 431 -23.04 -19.19 -23.81
N SER B 19 -2.79 8.27 48.73
CA SER B 19 -1.39 8.52 48.41
C SER B 19 -1.24 8.56 46.90
N ARG B 20 0.02 8.74 46.46
CA ARG B 20 0.28 8.84 45.03
C ARG B 20 0.01 7.53 44.31
N GLN B 21 0.24 6.39 44.97
CA GLN B 21 -0.06 5.11 44.34
C GLN B 21 -1.57 4.84 44.32
N LEU B 22 -2.29 5.33 45.33
CA LEU B 22 -3.73 5.11 45.38
C LEU B 22 -4.44 5.84 44.24
N VAL B 23 -4.04 7.07 43.96
CA VAL B 23 -4.68 7.84 42.91
C VAL B 23 -4.36 7.25 41.54
N LEU B 24 -3.14 6.77 41.35
CA LEU B 24 -2.79 6.07 40.12
C LEU B 24 -3.61 4.79 39.97
N VAL B 25 -3.82 4.07 41.07
CA VAL B 25 -4.60 2.84 41.03
C VAL B 25 -6.04 3.13 40.65
N VAL B 26 -6.65 4.16 41.25
CA VAL B 26 -8.05 4.46 40.96
C VAL B 26 -8.19 4.97 39.52
N VAL B 27 -7.23 5.76 39.05
CA VAL B 27 -7.29 6.24 37.67
C VAL B 27 -7.15 5.08 36.69
N PHE B 28 -6.24 4.14 36.98
CA PHE B 28 -6.07 2.96 36.15
C PHE B 28 -7.34 2.12 36.11
N VAL B 29 -7.97 1.92 37.26
CA VAL B 29 -9.19 1.13 37.32
C VAL B 29 -10.32 1.84 36.57
N ALA B 30 -10.38 3.17 36.68
CA ALA B 30 -11.42 3.93 35.98
C ALA B 30 -11.26 3.82 34.47
N LEU B 31 -10.03 3.96 33.98
CA LEU B 31 -9.80 3.82 32.53
C LEU B 31 -10.05 2.37 32.09
N LEU B 32 -9.72 1.41 32.95
CA LEU B 32 -10.02 0.01 32.70
C LEU B 32 -11.51 -0.22 32.49
N LEU B 33 -12.34 0.26 33.42
CA LEU B 33 -13.78 0.09 33.28
C LEU B 33 -14.32 0.87 32.09
N ASP B 34 -13.74 2.03 31.80
CA ASP B 34 -14.19 2.86 30.69
C ASP B 34 -13.98 2.13 29.36
N ASN B 35 -12.84 1.44 29.22
CA ASN B 35 -12.66 0.65 28.01
C ASN B 35 -13.46 -0.65 28.04
N MET B 36 -13.67 -1.23 29.23
CA MET B 36 -14.43 -2.47 29.32
C MET B 36 -15.87 -2.30 28.88
N LEU B 37 -16.50 -1.20 29.28
CA LEU B 37 -17.89 -0.98 28.87
C LEU B 37 -18.02 -0.80 27.36
N PHE B 38 -17.13 0.00 26.76
CA PHE B 38 -17.20 0.26 25.33
C PHE B 38 -16.81 -0.98 24.53
N THR B 39 -15.93 -1.83 25.06
CA THR B 39 -15.54 -3.03 24.33
C THR B 39 -16.51 -4.18 24.57
N VAL B 40 -17.35 -4.10 25.60
CA VAL B 40 -18.37 -5.13 25.82
C VAL B 40 -19.69 -4.77 25.17
N VAL B 41 -19.95 -3.49 24.89
CA VAL B 41 -21.19 -3.15 24.20
C VAL B 41 -21.19 -3.67 22.77
N VAL B 42 -20.05 -3.69 22.10
CA VAL B 42 -19.96 -4.04 20.68
C VAL B 42 -20.42 -5.46 20.34
N PRO B 43 -20.11 -6.53 21.07
CA PRO B 43 -20.62 -7.85 20.66
C PRO B 43 -21.93 -8.26 21.29
N ILE B 44 -22.62 -7.37 22.00
CA ILE B 44 -23.85 -7.70 22.71
C ILE B 44 -25.07 -7.04 22.08
N VAL B 45 -24.92 -5.80 21.59
CA VAL B 45 -26.08 -5.05 21.10
C VAL B 45 -26.73 -5.69 19.87
N PRO B 46 -25.99 -6.07 18.82
CA PRO B 46 -26.65 -6.73 17.68
C PRO B 46 -27.33 -8.05 18.03
N THR B 47 -26.66 -8.90 18.80
CA THR B 47 -27.32 -10.13 19.24
C THR B 47 -28.47 -9.83 20.20
N PHE B 48 -28.37 -8.75 20.97
CA PHE B 48 -29.46 -8.34 21.84
C PHE B 48 -30.70 -7.98 21.02
N LEU B 49 -30.51 -7.21 19.95
CA LEU B 49 -31.64 -6.90 19.08
C LEU B 49 -32.14 -8.15 18.35
N TYR B 50 -31.25 -9.07 18.01
CA TYR B 50 -31.67 -10.32 17.38
C TYR B 50 -32.50 -11.18 18.32
N ASP B 51 -32.25 -11.10 19.63
CA ASP B 51 -32.91 -11.99 20.57
C ASP B 51 -34.40 -11.70 20.70
N MET B 52 -34.77 -10.43 20.84
CA MET B 52 -36.18 -10.08 21.02
C MET B 52 -37.02 -10.39 19.80
N GLU B 53 -36.47 -10.16 18.59
CA GLU B 53 -37.24 -10.46 17.38
C GLU B 53 -37.47 -11.96 17.23
N GLY B 75 -32.55 -12.46 7.81
CA GLY B 75 -31.78 -11.22 7.84
C GLY B 75 -32.69 -10.02 7.84
N PHE B 76 -32.64 -9.25 8.93
CA PHE B 76 -33.46 -8.06 9.05
C PHE B 76 -32.71 -6.87 9.63
N LEU B 77 -31.38 -6.96 9.79
CA LEU B 77 -30.60 -5.89 10.37
C LEU B 77 -30.31 -4.77 9.37
N GLU B 78 -30.70 -4.91 8.10
CA GLU B 78 -30.45 -3.87 7.11
C GLU B 78 -31.21 -2.59 7.44
N GLU B 79 -32.36 -2.71 8.11
CA GLU B 79 -33.13 -1.54 8.52
C GLU B 79 -32.65 -0.97 9.85
N GLU B 80 -32.12 -1.81 10.73
CA GLU B 80 -31.69 -1.37 12.05
C GLU B 80 -30.22 -0.95 12.11
N ILE B 81 -29.48 -1.12 11.01
CA ILE B 81 -28.07 -0.77 11.00
C ILE B 81 -27.87 0.73 11.21
N THR B 82 -28.78 1.54 10.67
CA THR B 82 -28.70 2.99 10.89
C THR B 82 -28.90 3.34 12.37
N ARG B 83 -29.85 2.68 13.03
CA ARG B 83 -30.08 2.97 14.44
C ARG B 83 -28.91 2.49 15.29
N VAL B 84 -28.30 1.36 14.94
CA VAL B 84 -27.11 0.93 15.69
C VAL B 84 -25.94 1.87 15.45
N GLY B 85 -25.82 2.42 14.24
CA GLY B 85 -24.77 3.40 13.98
C GLY B 85 -24.97 4.68 14.78
N VAL B 86 -26.21 5.15 14.87
CA VAL B 86 -26.50 6.33 15.67
C VAL B 86 -26.24 6.05 17.16
N LEU B 87 -26.64 4.88 17.64
CA LEU B 87 -26.40 4.51 19.03
C LEU B 87 -24.92 4.41 19.33
N PHE B 88 -24.11 3.98 18.36
CA PHE B 88 -22.67 3.91 18.58
C PHE B 88 -22.00 5.29 18.49
N ALA B 89 -22.50 6.18 17.64
CA ALA B 89 -21.93 7.51 17.53
C ALA B 89 -22.43 8.48 18.59
N SER B 90 -23.44 8.08 19.36
CA SER B 90 -23.99 8.94 20.41
C SER B 90 -22.96 9.30 21.45
N LYS B 91 -22.14 8.32 21.88
CA LYS B 91 -21.12 8.60 22.89
C LYS B 91 -20.09 9.60 22.39
N ALA B 92 -19.65 9.43 21.14
CA ALA B 92 -18.68 10.37 20.57
C ALA B 92 -19.27 11.77 20.45
N VAL B 93 -20.53 11.88 20.00
CA VAL B 93 -21.13 13.20 19.85
C VAL B 93 -21.34 13.87 21.20
N MET B 94 -21.67 13.08 22.23
CA MET B 94 -21.84 13.66 23.56
C MET B 94 -20.52 14.09 24.14
N GLN B 95 -19.47 13.29 23.92
CA GLN B 95 -18.14 13.66 24.41
C GLN B 95 -17.66 14.94 23.72
N LEU B 96 -17.94 15.08 22.43
CA LEU B 96 -17.60 16.32 21.75
C LEU B 96 -18.37 17.52 22.29
N LEU B 97 -19.67 17.35 22.54
CA LEU B 97 -20.45 18.48 23.02
C LEU B 97 -20.07 18.88 24.43
N VAL B 98 -19.61 17.94 25.26
CA VAL B 98 -19.21 18.26 26.63
C VAL B 98 -17.70 18.39 26.81
N ASN B 99 -16.94 18.32 25.72
CA ASN B 99 -15.49 18.51 25.81
C ASN B 99 -15.07 19.88 26.35
N PRO B 100 -15.48 21.02 25.78
CA PRO B 100 -14.90 22.30 26.20
C PRO B 100 -15.53 22.91 27.44
N PHE B 101 -16.44 22.21 28.10
CA PHE B 101 -17.07 22.75 29.30
C PHE B 101 -16.38 22.32 30.59
N VAL B 102 -15.65 21.19 30.57
CA VAL B 102 -14.99 20.68 31.77
C VAL B 102 -13.73 21.45 32.11
N GLY B 103 -13.22 22.28 31.19
CA GLY B 103 -12.02 23.04 31.43
C GLY B 103 -12.15 24.02 32.57
N PRO B 104 -12.98 25.06 32.39
CA PRO B 104 -13.21 26.00 33.50
C PRO B 104 -13.91 25.38 34.69
N LEU B 105 -14.67 24.31 34.48
CA LEU B 105 -15.36 23.66 35.60
C LEU B 105 -14.36 23.06 36.59
N THR B 106 -13.30 22.43 36.10
CA THR B 106 -12.28 21.88 36.98
C THR B 106 -11.53 23.00 37.71
N ASN B 107 -11.27 24.12 37.02
CA ASN B 107 -10.57 25.23 37.67
C ASN B 107 -11.42 25.85 38.75
N ARG B 108 -12.73 26.00 38.52
CA ARG B 108 -13.59 26.67 39.48
C ARG B 108 -13.78 25.83 40.74
N ILE B 109 -14.08 24.54 40.58
CA ILE B 109 -14.49 23.69 41.68
C ILE B 109 -13.51 22.55 41.93
N GLY B 110 -12.28 22.67 41.45
CA GLY B 110 -11.29 21.65 41.68
C GLY B 110 -11.44 20.46 40.75
N TYR B 111 -10.67 19.42 41.06
CA TYR B 111 -10.62 18.22 40.23
C TYR B 111 -11.37 17.03 40.82
N HIS B 112 -11.46 16.93 42.14
CA HIS B 112 -12.12 15.78 42.75
C HIS B 112 -13.63 15.80 42.51
N ILE B 113 -14.23 16.99 42.53
CA ILE B 113 -15.69 17.09 42.35
C ILE B 113 -16.14 16.61 40.98
N PRO B 114 -15.52 17.00 39.86
CA PRO B 114 -15.91 16.42 38.57
C PRO B 114 -15.70 14.93 38.45
N MET B 115 -14.82 14.34 39.28
CA MET B 115 -14.69 12.88 39.32
C MET B 115 -15.98 12.23 39.78
N PHE B 116 -16.63 12.82 40.78
CA PHE B 116 -17.80 12.20 41.40
C PHE B 116 -18.96 12.11 40.40
N ALA B 117 -19.17 13.16 39.61
CA ALA B 117 -20.26 13.15 38.64
C ALA B 117 -20.03 12.09 37.56
N GLY B 118 -18.79 12.00 37.06
CA GLY B 118 -18.50 11.03 36.02
C GLY B 118 -18.65 9.60 36.50
N PHE B 119 -18.18 9.31 37.71
CA PHE B 119 -18.28 7.96 38.24
C PHE B 119 -19.72 7.56 38.51
N VAL B 120 -20.52 8.48 39.06
CA VAL B 120 -21.91 8.15 39.33
C VAL B 120 -22.68 7.99 38.02
N ILE B 121 -22.37 8.81 37.01
CA ILE B 121 -23.07 8.70 35.73
C ILE B 121 -22.68 7.41 35.01
N MET B 122 -21.42 7.00 35.10
CA MET B 122 -21.03 5.75 34.46
C MET B 122 -21.59 4.55 35.22
N PHE B 123 -21.71 4.65 36.55
CA PHE B 123 -22.37 3.61 37.33
C PHE B 123 -23.83 3.50 36.89
N LEU B 124 -24.50 4.64 36.69
CA LEU B 124 -25.89 4.63 36.22
C LEU B 124 -25.99 4.03 34.83
N SER B 125 -25.08 4.39 33.92
CA SER B 125 -25.10 3.86 32.57
C SER B 125 -24.90 2.35 32.58
N THR B 126 -24.01 1.86 33.44
CA THR B 126 -23.82 0.42 33.58
C THR B 126 -25.08 -0.25 34.13
N VAL B 127 -25.74 0.36 35.11
CA VAL B 127 -26.89 -0.30 35.72
C VAL B 127 -28.08 -0.32 34.77
N MET B 128 -28.31 0.76 34.01
CA MET B 128 -29.39 0.66 33.01
C MET B 128 -29.01 -0.23 31.84
N PHE B 129 -27.73 -0.31 31.48
CA PHE B 129 -27.36 -1.15 30.35
C PHE B 129 -27.60 -2.63 30.64
N ALA B 130 -27.33 -3.07 31.87
CA ALA B 130 -27.69 -4.44 32.25
C ALA B 130 -29.19 -4.62 32.35
N PHE B 131 -29.93 -3.53 32.63
CA PHE B 131 -31.36 -3.59 32.88
C PHE B 131 -32.21 -3.09 31.71
N SER B 132 -31.58 -2.54 30.67
CA SER B 132 -32.34 -1.97 29.57
C SER B 132 -33.05 -3.06 28.78
N GLY B 133 -34.25 -2.73 28.28
CA GLY B 133 -35.01 -3.68 27.50
C GLY B 133 -35.37 -3.17 26.12
N THR B 134 -35.41 -1.85 25.97
CA THR B 134 -35.84 -1.23 24.72
C THR B 134 -34.69 -0.42 24.12
N TYR B 135 -34.93 0.08 22.90
CA TYR B 135 -33.92 0.84 22.18
C TYR B 135 -33.74 2.25 22.78
N THR B 136 -34.80 2.80 23.37
CA THR B 136 -34.74 4.17 23.87
C THR B 136 -33.80 4.29 25.06
N LEU B 137 -33.81 3.31 25.96
CA LEU B 137 -32.97 3.38 27.16
C LEU B 137 -31.49 3.25 26.81
N LEU B 138 -31.17 2.50 25.74
CA LEU B 138 -29.77 2.31 25.35
C LEU B 138 -29.14 3.63 24.92
N PHE B 139 -29.90 4.48 24.23
CA PHE B 139 -29.39 5.78 23.81
C PHE B 139 -29.05 6.65 25.01
N VAL B 140 -29.93 6.67 26.01
CA VAL B 140 -29.67 7.46 27.22
C VAL B 140 -28.47 6.90 27.97
N ALA B 141 -28.35 5.57 28.02
CA ALA B 141 -27.19 4.96 28.67
C ALA B 141 -25.90 5.32 27.96
N ARG B 142 -25.92 5.33 26.62
CA ARG B 142 -24.73 5.70 25.86
C ARG B 142 -24.37 7.16 26.07
N THR B 143 -25.36 8.05 26.11
CA THR B 143 -25.07 9.46 26.34
C THR B 143 -24.48 9.69 27.74
N LEU B 144 -25.05 9.02 28.74
CA LEU B 144 -24.50 9.12 30.09
C LEU B 144 -23.09 8.54 30.15
N GLN B 145 -22.84 7.45 29.44
CA GLN B 145 -21.51 6.85 29.39
C GLN B 145 -20.51 7.82 28.75
N GLY B 146 -20.92 8.50 27.69
CA GLY B 146 -20.03 9.47 27.06
C GLY B 146 -19.70 10.63 27.96
N ILE B 147 -20.71 11.17 28.66
CA ILE B 147 -20.47 12.27 29.59
C ILE B 147 -19.56 11.84 30.72
N GLY B 148 -19.81 10.66 31.30
CA GLY B 148 -18.97 10.17 32.37
C GLY B 148 -17.54 9.88 31.92
N SER B 149 -17.39 9.36 30.69
CA SER B 149 -16.06 9.12 30.15
C SER B 149 -15.29 10.42 29.96
N SER B 150 -15.97 11.46 29.46
CA SER B 150 -15.31 12.76 29.31
C SER B 150 -14.90 13.32 30.66
N PHE B 151 -15.80 13.25 31.64
CA PHE B 151 -15.51 13.80 32.97
C PHE B 151 -14.36 13.05 33.63
N SER B 152 -14.34 11.72 33.52
CA SER B 152 -13.25 10.94 34.10
C SER B 152 -11.94 11.21 33.38
N SER B 153 -11.96 11.26 32.04
CA SER B 153 -10.75 11.47 31.27
C SER B 153 -10.15 12.86 31.53
N VAL B 154 -10.99 13.82 31.88
CA VAL B 154 -10.44 15.12 32.29
C VAL B 154 -9.92 15.06 33.72
N ALA B 155 -10.75 14.61 34.66
CA ALA B 155 -10.46 14.78 36.08
C ALA B 155 -9.32 13.89 36.54
N GLY B 156 -9.28 12.63 36.09
CA GLY B 156 -8.22 11.72 36.53
C GLY B 156 -6.85 12.15 36.07
N LEU B 157 -6.73 12.54 34.81
CA LEU B 157 -5.44 13.03 34.31
C LEU B 157 -5.07 14.35 34.95
N GLY B 158 -6.06 15.21 35.24
CA GLY B 158 -5.75 16.44 35.96
C GLY B 158 -5.21 16.17 37.36
N MET B 159 -5.83 15.21 38.06
CA MET B 159 -5.33 14.82 39.38
C MET B 159 -3.92 14.23 39.29
N LEU B 160 -3.67 13.38 38.29
CA LEU B 160 -2.36 12.76 38.15
C LEU B 160 -1.30 13.80 37.86
N ALA B 161 -1.62 14.81 37.05
CA ALA B 161 -0.69 15.90 36.82
C ALA B 161 -0.45 16.70 38.09
N SER B 162 -1.52 16.94 38.86
CA SER B 162 -1.38 17.74 40.08
C SER B 162 -0.54 17.02 41.13
N VAL B 163 -0.76 15.72 41.31
CA VAL B 163 -0.09 14.99 42.38
C VAL B 163 1.40 14.83 42.09
N TYR B 164 1.74 14.52 40.84
CA TYR B 164 3.12 14.23 40.45
C TYR B 164 3.76 15.52 39.96
N THR B 165 4.49 16.20 40.84
CA THR B 165 5.24 17.40 40.50
C THR B 165 6.75 17.13 40.40
N ASP B 166 7.14 15.86 40.40
CA ASP B 166 8.56 15.52 40.35
C ASP B 166 9.17 15.77 38.98
N ASP B 167 8.35 15.93 37.94
CA ASP B 167 8.73 16.21 36.56
C ASP B 167 9.35 15.00 35.86
N HIS B 168 9.44 13.85 36.50
CA HIS B 168 9.97 12.64 35.88
C HIS B 168 9.02 11.45 36.03
N GLU B 169 8.33 11.34 37.16
CA GLU B 169 7.38 10.26 37.38
C GLU B 169 6.04 10.51 36.69
N ARG B 170 5.79 11.74 36.24
CA ARG B 170 4.54 12.05 35.56
C ARG B 170 4.40 11.26 34.25
N GLY B 171 5.48 11.22 33.47
CA GLY B 171 5.46 10.45 32.24
C GLY B 171 5.31 8.95 32.48
N ARG B 172 5.95 8.46 33.55
CA ARG B 172 5.80 7.05 33.90
C ARG B 172 4.37 6.73 34.31
N ALA B 173 3.73 7.61 35.07
CA ALA B 173 2.35 7.40 35.46
C ALA B 173 1.42 7.45 34.24
N MET B 174 1.69 8.37 33.30
CA MET B 174 0.90 8.41 32.08
C MET B 174 1.08 7.14 31.26
N GLY B 175 2.30 6.63 31.18
CA GLY B 175 2.53 5.37 30.48
C GLY B 175 1.84 4.20 31.15
N THR B 176 1.82 4.19 32.49
CA THR B 176 1.10 3.15 33.22
C THR B 176 -0.40 3.23 32.95
N ALA B 177 -0.94 4.45 32.90
CA ALA B 177 -2.35 4.62 32.59
C ALA B 177 -2.66 4.14 31.17
N LEU B 178 -1.79 4.45 30.21
CA LEU B 178 -1.99 3.96 28.85
C LEU B 178 -1.89 2.45 28.77
N GLY B 179 -0.96 1.85 29.53
CA GLY B 179 -0.88 0.40 29.56
C GLY B 179 -2.12 -0.25 30.16
N GLY B 180 -2.67 0.34 31.22
CA GLY B 180 -3.93 -0.16 31.76
C GLY B 180 -5.07 0.02 30.79
N LEU B 181 -5.05 1.12 30.03
CA LEU B 181 -6.04 1.35 28.98
C LEU B 181 -5.98 0.25 27.92
N ALA B 182 -4.77 -0.10 27.49
CA ALA B 182 -4.60 -1.16 26.50
C ALA B 182 -5.00 -2.51 27.07
N LEU B 183 -4.70 -2.77 28.35
CA LEU B 183 -5.10 -4.02 28.97
C LEU B 183 -6.61 -4.14 29.05
N GLY B 184 -7.29 -3.04 29.39
CA GLY B 184 -8.75 -3.07 29.39
C GLY B 184 -9.32 -3.28 28.01
N LEU B 185 -8.70 -2.66 27.00
CA LEU B 185 -9.12 -2.87 25.62
C LEU B 185 -8.97 -4.33 25.23
N LEU B 186 -7.87 -4.97 25.64
CA LEU B 186 -7.66 -6.38 25.36
C LEU B 186 -8.70 -7.25 26.06
N VAL B 187 -9.01 -6.93 27.32
CA VAL B 187 -9.85 -7.82 28.13
C VAL B 187 -11.31 -7.68 27.77
N GLY B 188 -11.75 -6.49 27.37
CA GLY B 188 -13.18 -6.24 27.19
C GLY B 188 -13.80 -7.03 26.05
N ALA B 189 -13.06 -7.22 24.96
CA ALA B 189 -13.63 -7.85 23.77
C ALA B 189 -14.04 -9.30 23.99
N PRO B 190 -13.18 -10.18 24.54
CA PRO B 190 -13.64 -11.56 24.77
C PRO B 190 -14.56 -11.72 25.97
N PHE B 191 -14.72 -10.69 26.79
CA PHE B 191 -15.45 -10.82 28.05
C PHE B 191 -16.95 -10.97 27.80
N GLY B 192 -17.56 -9.96 27.17
CA GLY B 192 -19.00 -9.95 27.02
C GLY B 192 -19.52 -11.03 26.09
N SER B 193 -18.78 -11.31 25.01
CA SER B 193 -19.18 -12.36 24.09
C SER B 193 -19.12 -13.73 24.76
N VAL B 194 -18.11 -13.97 25.59
CA VAL B 194 -18.00 -15.25 26.27
C VAL B 194 -19.07 -15.40 27.33
N MET B 195 -19.36 -14.33 28.08
CA MET B 195 -20.28 -14.40 29.19
C MET B 195 -21.70 -13.98 28.82
N TYR B 196 -22.10 -14.15 27.56
CA TYR B 196 -23.46 -13.82 27.14
C TYR B 196 -24.35 -15.04 27.03
N GLU B 197 -23.96 -16.00 26.19
CA GLU B 197 -24.75 -17.21 26.01
C GLU B 197 -24.48 -18.25 27.08
N PHE B 198 -23.50 -18.01 27.96
CA PHE B 198 -23.06 -18.99 28.95
C PHE B 198 -23.53 -18.66 30.36
N VAL B 199 -23.54 -17.38 30.73
CA VAL B 199 -23.89 -16.96 32.09
C VAL B 199 -24.99 -15.89 32.07
N GLY B 200 -25.74 -15.81 30.99
CA GLY B 200 -26.80 -14.84 30.89
C GLY B 200 -26.34 -13.53 30.27
N LYS B 201 -27.26 -12.56 30.25
CA LYS B 201 -27.03 -11.27 29.62
C LYS B 201 -26.57 -10.20 30.60
N SER B 202 -27.15 -10.13 31.79
CA SER B 202 -26.83 -9.08 32.74
C SER B 202 -25.59 -9.37 33.57
N ALA B 203 -24.97 -10.54 33.38
CA ALA B 203 -23.78 -10.89 34.16
C ALA B 203 -22.59 -9.95 33.92
N PRO B 204 -22.16 -9.69 32.68
CA PRO B 204 -20.97 -8.83 32.49
C PRO B 204 -21.20 -7.38 32.91
N PHE B 205 -22.35 -6.80 32.61
CA PHE B 205 -22.62 -5.43 33.04
C PHE B 205 -22.68 -5.33 34.56
N LEU B 206 -23.30 -6.31 35.22
CA LEU B 206 -23.35 -6.31 36.68
C LEU B 206 -21.95 -6.48 37.27
N ILE B 207 -21.11 -7.31 36.66
CA ILE B 207 -19.74 -7.49 37.14
C ILE B 207 -18.95 -6.19 36.98
N LEU B 208 -19.14 -5.50 35.84
CA LEU B 208 -18.47 -4.22 35.63
C LEU B 208 -18.94 -3.17 36.63
N ALA B 209 -20.24 -3.16 36.95
CA ALA B 209 -20.76 -2.23 37.94
C ALA B 209 -20.19 -2.54 39.32
N PHE B 210 -20.08 -3.82 39.67
CA PHE B 210 -19.51 -4.21 40.95
C PHE B 210 -18.04 -3.81 41.04
N LEU B 211 -17.28 -4.00 39.96
CA LEU B 211 -15.89 -3.57 39.93
C LEU B 211 -15.80 -2.04 40.05
N ALA B 212 -16.73 -1.32 39.43
CA ALA B 212 -16.77 0.13 39.58
C ALA B 212 -17.05 0.53 41.02
N LEU B 213 -17.90 -0.22 41.72
CA LEU B 213 -18.17 0.08 43.13
C LEU B 213 -16.92 -0.11 43.99
N LEU B 214 -16.05 -1.05 43.61
CA LEU B 214 -14.80 -1.24 44.36
C LEU B 214 -13.90 -0.01 44.24
N ASP B 215 -13.81 0.58 43.04
CA ASP B 215 -12.95 1.75 42.87
C ASP B 215 -13.53 2.98 43.53
N GLY B 216 -14.84 3.03 43.74
CA GLY B 216 -15.44 4.16 44.41
C GLY B 216 -14.99 4.28 45.86
N ALA B 217 -14.90 3.15 46.56
CA ALA B 217 -14.39 3.17 47.93
C ALA B 217 -12.92 3.57 47.97
N LEU B 218 -12.14 3.11 46.98
CA LEU B 218 -10.73 3.48 46.92
C LEU B 218 -10.56 4.97 46.70
N GLN B 219 -11.35 5.55 45.79
CA GLN B 219 -11.29 6.98 45.53
C GLN B 219 -11.92 7.81 46.64
N LEU B 220 -12.85 7.23 47.41
CA LEU B 220 -13.50 7.98 48.48
C LEU B 220 -12.52 8.35 49.58
N CYS B 221 -11.61 7.44 49.93
CA CYS B 221 -10.60 7.70 50.96
C CYS B 221 -9.37 8.33 50.31
N THR B 236 -2.25 28.71 24.62
CA THR B 236 -2.50 28.13 23.30
C THR B 236 -3.64 27.12 23.35
N PRO B 237 -4.88 27.58 23.48
CA PRO B 237 -6.00 26.63 23.58
C PRO B 237 -6.21 25.88 22.28
N LEU B 238 -7.12 24.89 22.35
CA LEU B 238 -7.29 23.94 21.25
C LEU B 238 -7.84 24.60 19.99
N PHE B 239 -8.70 25.61 20.13
CA PHE B 239 -9.22 26.29 18.95
C PHE B 239 -8.16 27.14 18.27
N MET B 240 -7.17 27.61 19.02
CA MET B 240 -6.06 28.36 18.43
C MET B 240 -5.04 27.46 17.74
N LEU B 241 -5.02 26.17 18.06
CA LEU B 241 -4.06 25.23 17.49
C LEU B 241 -4.58 24.51 16.26
N LEU B 242 -5.83 24.76 15.86
CA LEU B 242 -6.44 24.07 14.73
C LEU B 242 -6.55 24.96 13.50
N LYS B 243 -5.57 25.81 13.26
CA LYS B 243 -5.53 26.61 12.05
C LYS B 243 -4.29 26.36 11.19
N ASP B 244 -3.21 25.81 11.75
CA ASP B 244 -2.10 25.55 10.86
C ASP B 244 -2.30 24.23 10.12
N PRO B 245 -1.78 24.15 8.89
CA PRO B 245 -1.98 22.93 8.09
C PRO B 245 -1.35 21.69 8.68
N TYR B 246 -0.25 21.83 9.44
CA TYR B 246 0.47 20.66 9.93
C TYR B 246 -0.36 19.89 10.96
N ILE B 247 -0.88 20.59 11.97
CA ILE B 247 -1.66 19.94 13.01
C ILE B 247 -2.97 19.41 12.45
N LEU B 248 -3.57 20.14 11.50
CA LEU B 248 -4.78 19.67 10.86
C LEU B 248 -4.52 18.40 10.06
N VAL B 249 -3.39 18.33 9.36
CA VAL B 249 -3.04 17.13 8.60
C VAL B 249 -2.82 15.95 9.52
N ALA B 250 -2.13 16.18 10.65
CA ALA B 250 -1.90 15.10 11.61
C ALA B 250 -3.21 14.60 12.21
N ALA B 251 -4.10 15.52 12.58
CA ALA B 251 -5.39 15.14 13.14
C ALA B 251 -6.23 14.37 12.14
N GLY B 252 -6.22 14.82 10.88
CA GLY B 252 -6.95 14.10 9.84
C GLY B 252 -6.37 12.71 9.60
N SER B 253 -5.06 12.58 9.69
CA SER B 253 -4.42 11.27 9.53
C SER B 253 -4.85 10.32 10.64
N ILE B 254 -4.85 10.80 11.89
CA ILE B 254 -5.27 9.94 13.00
C ILE B 254 -6.74 9.57 12.89
N CYS B 255 -7.58 10.54 12.51
CA CYS B 255 -9.01 10.28 12.37
C CYS B 255 -9.29 9.27 11.27
N PHE B 256 -8.64 9.42 10.11
CA PHE B 256 -8.87 8.48 9.02
C PHE B 256 -8.26 7.11 9.30
N ALA B 257 -7.23 7.06 10.14
CA ALA B 257 -6.69 5.77 10.54
C ALA B 257 -7.63 5.04 11.49
N ASN B 258 -8.20 5.75 12.47
CA ASN B 258 -9.07 5.11 13.45
C ASN B 258 -10.49 4.93 12.94
N MET B 259 -10.87 5.57 11.84
CA MET B 259 -12.21 5.40 11.31
C MET B 259 -12.45 3.97 10.81
N GLY B 260 -11.39 3.27 10.39
CA GLY B 260 -11.56 1.89 9.96
C GLY B 260 -12.04 0.98 11.08
N VAL B 261 -11.39 1.05 12.24
CA VAL B 261 -11.85 0.29 13.40
C VAL B 261 -13.13 0.86 13.99
N ALA B 262 -13.40 2.15 13.78
CA ALA B 262 -14.69 2.69 14.18
C ALA B 262 -15.84 2.07 13.38
N ILE B 263 -15.65 1.94 12.06
CA ILE B 263 -16.67 1.34 11.20
C ILE B 263 -16.71 -0.17 11.30
N LEU B 264 -15.62 -0.82 11.72
CA LEU B 264 -15.63 -2.27 11.85
C LEU B 264 -16.54 -2.74 12.99
N GLU B 265 -16.74 -1.91 14.01
CA GLU B 265 -17.47 -2.37 15.19
C GLU B 265 -18.96 -2.58 14.92
N PRO B 266 -19.75 -1.56 14.56
CA PRO B 266 -21.20 -1.75 14.53
C PRO B 266 -21.73 -2.45 13.29
N THR B 267 -20.88 -2.81 12.33
CA THR B 267 -21.35 -3.38 11.07
C THR B 267 -20.77 -4.75 10.75
N LEU B 268 -19.74 -5.21 11.46
CA LEU B 268 -19.14 -6.51 11.19
C LEU B 268 -19.92 -7.68 11.75
N PRO B 269 -20.40 -7.65 13.00
CA PRO B 269 -21.19 -8.79 13.52
C PRO B 269 -22.45 -9.10 12.73
N ILE B 270 -23.14 -8.08 12.19
CA ILE B 270 -24.32 -8.35 11.39
C ILE B 270 -23.94 -9.06 10.10
N TRP B 271 -22.84 -8.64 9.48
CA TRP B 271 -22.34 -9.32 8.29
C TRP B 271 -21.93 -10.76 8.59
N MET B 272 -21.30 -10.97 9.75
CA MET B 272 -20.90 -12.31 10.15
C MET B 272 -22.11 -13.21 10.36
N MET B 273 -23.15 -12.69 11.02
CA MET B 273 -24.36 -13.47 11.23
C MET B 273 -25.08 -13.77 9.92
N GLN B 274 -25.06 -12.81 8.99
CA GLN B 274 -25.79 -13.00 7.74
C GLN B 274 -25.06 -13.95 6.80
N THR B 275 -23.73 -13.97 6.81
CA THR B 275 -22.98 -14.76 5.84
C THR B 275 -22.25 -15.94 6.43
N MET B 276 -21.42 -15.74 7.45
CA MET B 276 -20.56 -16.80 7.95
C MET B 276 -21.30 -17.84 8.78
N CYS B 277 -22.46 -17.50 9.34
CA CYS B 277 -23.25 -18.43 10.16
C CYS B 277 -22.51 -18.85 11.42
N SER B 278 -21.64 -17.97 11.93
CA SER B 278 -20.89 -18.27 13.14
C SER B 278 -21.82 -18.23 14.36
N PRO B 279 -21.48 -18.96 15.42
CA PRO B 279 -22.28 -18.89 16.65
C PRO B 279 -22.19 -17.53 17.31
N LYS B 280 -22.92 -17.38 18.41
CA LYS B 280 -23.06 -16.08 19.06
C LYS B 280 -21.95 -15.79 20.06
N TRP B 281 -20.97 -16.69 20.23
CA TRP B 281 -19.89 -16.47 21.18
C TRP B 281 -18.56 -16.14 20.53
N GLN B 282 -18.42 -16.36 19.22
CA GLN B 282 -17.19 -16.05 18.51
C GLN B 282 -17.16 -14.62 17.99
N LEU B 283 -18.28 -13.90 18.08
CA LEU B 283 -18.35 -12.54 17.54
C LEU B 283 -17.41 -11.61 18.32
N GLY B 284 -17.38 -11.73 19.64
CA GLY B 284 -16.43 -10.97 20.43
C GLY B 284 -15.02 -11.48 20.35
N LEU B 285 -14.84 -12.77 20.05
CA LEU B 285 -13.50 -13.33 19.87
C LEU B 285 -12.87 -12.91 18.56
N ALA B 286 -13.69 -12.54 17.57
CA ALA B 286 -13.16 -12.13 16.27
C ALA B 286 -12.33 -10.85 16.35
N PHE B 287 -12.54 -10.01 17.36
CA PHE B 287 -11.81 -8.76 17.51
C PHE B 287 -10.57 -8.90 18.39
N LEU B 288 -10.28 -10.10 18.89
CA LEU B 288 -9.07 -10.32 19.67
C LEU B 288 -7.78 -10.04 18.89
N PRO B 289 -7.61 -10.47 17.64
CA PRO B 289 -6.39 -10.09 16.90
C PRO B 289 -6.23 -8.59 16.75
N ALA B 290 -7.32 -7.83 16.58
CA ALA B 290 -7.22 -6.39 16.44
C ALA B 290 -6.70 -5.71 17.70
N SER B 291 -6.80 -6.37 18.86
CA SER B 291 -6.23 -5.82 20.08
C SER B 291 -4.82 -6.33 20.34
N VAL B 292 -4.59 -7.63 20.15
CA VAL B 292 -3.27 -8.20 20.42
C VAL B 292 -2.23 -7.66 19.44
N SER B 293 -2.55 -7.70 18.14
CA SER B 293 -1.66 -7.15 17.14
C SER B 293 -1.48 -5.65 17.32
N TYR B 294 -2.53 -4.95 17.77
CA TYR B 294 -2.41 -3.53 18.03
C TYR B 294 -1.41 -3.26 19.14
N LEU B 295 -1.47 -4.02 20.23
CA LEU B 295 -0.57 -3.79 21.36
C LEU B 295 0.88 -4.11 20.99
N ILE B 296 1.10 -5.25 20.31
CA ILE B 296 2.46 -5.60 19.91
C ILE B 296 3.00 -4.58 18.90
N GLY B 297 2.14 -4.12 18.00
CA GLY B 297 2.56 -3.13 17.02
C GLY B 297 2.90 -1.79 17.64
N THR B 298 2.08 -1.33 18.59
CA THR B 298 2.38 -0.03 19.19
C THR B 298 3.66 -0.08 20.00
N ASN B 299 3.90 -1.19 20.72
CA ASN B 299 5.16 -1.32 21.46
C ASN B 299 6.35 -1.35 20.51
N LEU B 300 6.32 -2.24 19.51
CA LEU B 300 7.46 -2.41 18.61
C LEU B 300 7.73 -1.16 17.79
N PHE B 301 6.68 -0.53 17.27
CA PHE B 301 6.90 0.62 16.41
C PHE B 301 7.09 1.92 17.18
N GLY B 302 6.63 2.01 18.42
CA GLY B 302 7.12 3.06 19.28
C GLY B 302 8.60 2.91 19.55
N VAL B 303 9.08 1.68 19.65
CA VAL B 303 10.52 1.46 19.77
C VAL B 303 11.24 1.87 18.48
N LEU B 304 10.68 1.52 17.33
CA LEU B 304 11.43 1.52 16.07
C LEU B 304 11.17 2.72 15.16
N ALA B 305 10.20 3.58 15.47
CA ALA B 305 9.76 4.59 14.50
C ALA B 305 10.79 5.70 14.32
N ASN B 306 11.59 5.99 15.34
CA ASN B 306 12.55 7.09 15.22
C ASN B 306 13.67 6.76 14.23
N LYS B 307 13.94 5.48 14.00
CA LYS B 307 15.05 5.11 13.11
C LYS B 307 14.69 5.34 11.65
N MET B 308 13.48 4.95 11.24
CA MET B 308 13.10 4.98 9.83
C MET B 308 12.13 6.09 9.49
N GLY B 309 12.03 7.12 10.34
CA GLY B 309 11.22 8.27 10.03
C GLY B 309 9.77 8.16 10.44
N ARG B 310 9.24 9.22 11.04
CA ARG B 310 7.86 9.21 11.51
C ARG B 310 6.87 9.34 10.35
N TRP B 311 7.18 10.18 9.37
CA TRP B 311 6.27 10.38 8.26
C TRP B 311 6.15 9.12 7.40
N LEU B 312 7.27 8.41 7.21
CA LEU B 312 7.22 7.13 6.51
C LEU B 312 6.42 6.11 7.32
N CYS B 313 6.51 6.17 8.64
CA CYS B 313 5.71 5.30 9.51
C CYS B 313 4.23 5.54 9.29
N SER B 314 3.81 6.81 9.31
CA SER B 314 2.39 7.13 9.10
C SER B 314 1.93 6.74 7.71
N LEU B 315 2.76 6.98 6.69
CA LEU B 315 2.39 6.65 5.32
C LEU B 315 2.21 5.15 5.14
N ILE B 316 3.18 4.35 5.61
CA ILE B 316 3.09 2.91 5.45
C ILE B 316 1.95 2.35 6.29
N GLY B 317 1.72 2.92 7.47
CA GLY B 317 0.62 2.46 8.31
C GLY B 317 -0.74 2.72 7.69
N MET B 318 -0.93 3.90 7.10
CA MET B 318 -2.20 4.17 6.42
C MET B 318 -2.38 3.29 5.20
N LEU B 319 -1.29 3.02 4.47
CA LEU B 319 -1.39 2.12 3.31
C LEU B 319 -1.78 0.71 3.72
N VAL B 320 -1.18 0.20 4.81
CA VAL B 320 -1.53 -1.14 5.23
C VAL B 320 -2.92 -1.17 5.86
N VAL B 321 -3.38 -0.05 6.44
CA VAL B 321 -4.77 0.06 6.88
C VAL B 321 -5.72 -0.11 5.70
N GLY B 322 -5.43 0.60 4.60
CA GLY B 322 -6.27 0.49 3.42
C GLY B 322 -6.26 -0.91 2.83
N THR B 323 -5.08 -1.53 2.76
CA THR B 323 -4.99 -2.88 2.21
C THR B 323 -5.73 -3.89 3.08
N SER B 324 -5.59 -3.78 4.41
CA SER B 324 -6.27 -4.70 5.32
C SER B 324 -7.79 -4.52 5.24
N LEU B 325 -8.26 -3.28 5.16
CA LEU B 325 -9.70 -3.06 5.04
C LEU B 325 -10.22 -3.56 3.71
N LEU B 326 -9.42 -3.47 2.64
CA LEU B 326 -9.83 -4.03 1.37
C LEU B 326 -9.93 -5.55 1.44
N CYS B 327 -8.96 -6.20 2.11
CA CYS B 327 -8.95 -7.65 2.19
C CYS B 327 -9.91 -8.22 3.23
N VAL B 328 -10.46 -7.37 4.10
CA VAL B 328 -11.40 -7.85 5.12
C VAL B 328 -12.64 -8.54 4.56
N PRO B 329 -13.41 -7.93 3.61
CA PRO B 329 -14.70 -8.55 3.25
C PRO B 329 -14.61 -9.72 2.27
N LEU B 330 -13.44 -10.31 2.11
CA LEU B 330 -13.28 -11.45 1.20
C LEU B 330 -13.52 -12.79 1.89
N ALA B 331 -13.20 -12.89 3.18
CA ALA B 331 -13.24 -14.19 3.86
C ALA B 331 -14.66 -14.68 4.01
N HIS B 332 -14.85 -15.98 3.79
CA HIS B 332 -16.15 -16.64 3.96
C HIS B 332 -16.25 -17.45 5.24
N ASN B 333 -15.17 -17.52 6.03
CA ASN B 333 -15.16 -18.25 7.29
C ASN B 333 -14.54 -17.36 8.37
N ILE B 334 -14.71 -17.78 9.62
CA ILE B 334 -14.17 -17.02 10.74
C ILE B 334 -12.65 -17.04 10.72
N PHE B 335 -12.05 -18.11 10.19
CA PHE B 335 -10.59 -18.22 10.13
C PHE B 335 -9.97 -17.33 9.07
N GLY B 336 -10.77 -16.73 8.19
CA GLY B 336 -10.25 -15.80 7.21
C GLY B 336 -10.14 -14.36 7.68
N LEU B 337 -10.41 -14.09 8.95
CA LEU B 337 -10.40 -12.74 9.49
C LEU B 337 -9.22 -12.47 10.41
N ILE B 338 -8.42 -13.48 10.73
CA ILE B 338 -7.27 -13.25 11.61
C ILE B 338 -6.21 -12.42 10.90
N GLY B 339 -6.01 -12.63 9.60
CA GLY B 339 -5.01 -11.90 8.85
C GLY B 339 -5.31 -10.43 8.71
N PRO B 340 -6.43 -10.10 8.04
CA PRO B 340 -6.79 -8.68 7.87
C PRO B 340 -7.00 -7.92 9.17
N ASN B 341 -7.60 -8.55 10.18
CA ASN B 341 -7.85 -7.85 11.43
C ASN B 341 -6.54 -7.58 12.17
N ALA B 342 -5.63 -8.56 12.18
CA ALA B 342 -4.33 -8.36 12.81
C ALA B 342 -3.53 -7.28 12.07
N GLY B 343 -3.61 -7.28 10.74
CA GLY B 343 -2.94 -6.24 9.97
C GLY B 343 -3.50 -4.86 10.25
N LEU B 344 -4.83 -4.75 10.35
CA LEU B 344 -5.46 -3.46 10.65
C LEU B 344 -5.07 -2.97 12.03
N GLY B 345 -5.05 -3.86 13.03
CA GLY B 345 -4.64 -3.44 14.36
C GLY B 345 -3.19 -3.01 14.42
N LEU B 346 -2.30 -3.76 13.75
CA LEU B 346 -0.89 -3.41 13.69
C LEU B 346 -0.69 -2.07 12.98
N ALA B 347 -1.46 -1.83 11.91
CA ALA B 347 -1.36 -0.58 11.18
C ALA B 347 -1.86 0.60 12.01
N ILE B 348 -2.94 0.40 12.77
CA ILE B 348 -3.43 1.47 13.63
C ILE B 348 -2.43 1.78 14.73
N GLY B 349 -1.76 0.75 15.25
CA GLY B 349 -0.67 0.99 16.19
C GLY B 349 0.45 1.80 15.56
N MET B 350 0.81 1.47 14.31
CA MET B 350 1.80 2.23 13.55
C MET B 350 1.40 3.69 13.43
N VAL B 351 0.18 3.95 12.98
CA VAL B 351 -0.23 5.33 12.70
C VAL B 351 -0.33 6.14 13.98
N ASP B 352 -0.86 5.55 15.06
CA ASP B 352 -0.95 6.28 16.32
C ASP B 352 0.43 6.58 16.89
N SER B 353 1.31 5.56 16.94
CA SER B 353 2.63 5.75 17.54
C SER B 353 3.50 6.66 16.70
N SER B 354 3.22 6.78 15.40
CA SER B 354 3.98 7.69 14.55
C SER B 354 3.40 9.10 14.54
N MET B 355 2.09 9.26 14.77
CA MET B 355 1.48 10.57 14.69
C MET B 355 1.50 11.33 16.01
N MET B 356 1.51 10.63 17.14
CA MET B 356 1.56 11.33 18.43
C MET B 356 2.85 12.13 18.64
N PRO B 357 4.04 11.55 18.47
CA PRO B 357 5.26 12.37 18.59
C PRO B 357 5.36 13.48 17.55
N ILE B 358 4.84 13.25 16.33
CA ILE B 358 4.84 14.31 15.32
C ILE B 358 3.96 15.46 15.76
N MET B 359 2.79 15.16 16.33
CA MET B 359 1.91 16.20 16.87
C MET B 359 2.60 16.96 17.99
N GLY B 360 3.29 16.24 18.89
CA GLY B 360 3.97 16.91 19.99
C GLY B 360 5.08 17.82 19.52
N HIS B 361 5.90 17.34 18.56
CA HIS B 361 6.99 18.15 18.04
C HIS B 361 6.46 19.36 17.28
N LEU B 362 5.38 19.18 16.51
CA LEU B 362 4.80 20.29 15.76
C LEU B 362 4.25 21.34 16.71
N VAL B 363 3.62 20.92 17.80
CA VAL B 363 3.11 21.88 18.78
C VAL B 363 4.27 22.59 19.48
N ASP B 364 5.35 21.85 19.79
CA ASP B 364 6.44 22.44 20.54
C ASP B 364 7.24 23.43 19.71
N LEU B 365 7.46 23.13 18.42
CA LEU B 365 8.36 23.94 17.61
C LEU B 365 7.77 25.31 17.31
N ARG B 366 6.47 25.39 17.07
CA ARG B 366 5.84 26.62 16.61
C ARG B 366 4.98 27.30 17.65
N HIS B 367 4.43 26.56 18.61
CA HIS B 367 3.57 27.13 19.65
C HIS B 367 4.12 26.76 21.02
N THR B 368 3.50 27.34 22.05
CA THR B 368 3.82 27.04 23.43
C THR B 368 2.85 25.99 23.95
N SER B 369 3.37 24.94 24.56
CA SER B 369 2.58 23.78 24.95
C SER B 369 2.58 23.61 26.47
N VAL B 370 1.66 22.75 26.92
CA VAL B 370 1.54 22.40 28.33
C VAL B 370 1.69 20.89 28.47
N TYR B 371 1.49 20.39 29.69
CA TYR B 371 1.65 18.95 29.96
C TYR B 371 0.66 18.10 29.16
N GLY B 372 -0.51 18.66 28.83
CA GLY B 372 -1.52 17.89 28.14
C GLY B 372 -2.05 18.52 26.87
N SER B 373 -1.17 19.20 26.13
CA SER B 373 -1.59 19.78 24.85
C SER B 373 -1.95 18.71 23.85
N VAL B 374 -1.19 17.61 23.81
CA VAL B 374 -1.45 16.56 22.84
C VAL B 374 -2.75 15.84 23.14
N TYR B 375 -3.16 15.77 24.41
CA TYR B 375 -4.39 15.07 24.77
C TYR B 375 -5.61 15.76 24.18
N ALA B 376 -5.60 17.09 24.13
CA ALA B 376 -6.75 17.81 23.59
C ALA B 376 -6.92 17.55 22.10
N ILE B 377 -5.83 17.67 21.33
CA ILE B 377 -5.92 17.47 19.90
C ILE B 377 -6.14 15.99 19.56
N ALA B 378 -5.43 15.10 20.26
CA ALA B 378 -5.54 13.68 19.97
C ALA B 378 -6.93 13.14 20.28
N ASP B 379 -7.53 13.61 21.37
CA ASP B 379 -8.88 13.17 21.69
C ASP B 379 -9.89 13.75 20.71
N VAL B 380 -9.58 14.86 20.06
CA VAL B 380 -10.45 15.40 19.02
C VAL B 380 -10.50 14.45 17.82
N ALA B 381 -9.35 13.93 17.39
CA ALA B 381 -9.32 13.06 16.22
C ALA B 381 -10.07 11.76 16.47
N PHE B 382 -9.91 11.18 17.67
CA PHE B 382 -10.67 9.99 18.02
C PHE B 382 -12.16 10.28 18.07
N CYS B 383 -12.55 11.47 18.53
CA CYS B 383 -13.97 11.79 18.62
C CYS B 383 -14.61 11.94 17.24
N MET B 384 -13.94 12.64 16.31
CA MET B 384 -14.42 12.65 14.93
C MET B 384 -14.47 11.25 14.33
N GLY B 385 -13.47 10.41 14.62
CA GLY B 385 -13.49 9.05 14.10
C GLY B 385 -14.68 8.25 14.59
N PHE B 386 -14.87 8.19 15.90
CA PHE B 386 -15.93 7.39 16.49
C PHE B 386 -17.30 8.05 16.41
N ALA B 387 -17.38 9.32 16.01
CA ALA B 387 -18.66 9.98 15.80
C ALA B 387 -19.12 9.96 14.36
N ILE B 388 -18.18 10.09 13.40
CA ILE B 388 -18.53 10.10 11.99
C ILE B 388 -18.38 8.73 11.34
N GLY B 389 -17.85 7.73 12.05
CA GLY B 389 -17.76 6.40 11.49
C GLY B 389 -19.09 5.70 11.41
N PRO B 390 -19.66 5.33 12.57
CA PRO B 390 -20.85 4.46 12.56
C PRO B 390 -22.10 5.12 12.01
N SER B 391 -22.30 6.42 12.26
CA SER B 391 -23.51 7.09 11.81
C SER B 391 -23.58 7.14 10.28
N THR B 392 -22.46 7.47 9.63
CA THR B 392 -22.43 7.43 8.17
C THR B 392 -22.39 5.99 7.66
N GLY B 393 -21.76 5.09 8.41
CA GLY B 393 -21.65 3.71 7.97
C GLY B 393 -22.98 3.00 7.92
N GLY B 394 -23.89 3.31 8.85
CA GLY B 394 -25.22 2.72 8.80
C GLY B 394 -25.98 3.11 7.55
N ALA B 395 -25.96 4.39 7.22
CA ALA B 395 -26.60 4.85 5.98
C ALA B 395 -25.90 4.28 4.75
N ILE B 396 -24.58 4.12 4.81
CA ILE B 396 -23.85 3.55 3.68
C ILE B 396 -24.26 2.09 3.48
N VAL B 397 -24.36 1.32 4.56
CA VAL B 397 -24.77 -0.07 4.47
C VAL B 397 -26.22 -0.17 4.02
N LYS B 398 -27.04 0.81 4.37
CA LYS B 398 -28.41 0.83 3.84
C LYS B 398 -28.40 1.05 2.34
N ALA B 399 -27.68 2.07 1.88
CA ALA B 399 -27.68 2.39 0.45
C ALA B 399 -26.90 1.34 -0.35
N ILE B 400 -25.69 1.01 0.11
CA ILE B 400 -24.81 0.09 -0.61
C ILE B 400 -24.32 -0.98 0.35
N GLY B 401 -23.60 -1.95 -0.19
CA GLY B 401 -23.18 -3.09 0.61
C GLY B 401 -22.06 -2.75 1.56
N PHE B 402 -21.90 -3.64 2.55
CA PHE B 402 -20.76 -3.58 3.46
C PHE B 402 -19.41 -3.65 2.75
N PRO B 403 -19.18 -4.55 1.77
CA PRO B 403 -17.90 -4.52 1.04
C PRO B 403 -17.64 -3.21 0.33
N TRP B 404 -18.67 -2.54 -0.19
CA TRP B 404 -18.47 -1.24 -0.80
C TRP B 404 -18.03 -0.21 0.24
N LEU B 405 -18.60 -0.29 1.45
CA LEU B 405 -18.18 0.60 2.52
C LEU B 405 -16.71 0.37 2.88
N MET B 406 -16.29 -0.90 2.94
CA MET B 406 -14.90 -1.18 3.28
C MET B 406 -13.96 -0.72 2.16
N VAL B 407 -14.38 -0.88 0.91
CA VAL B 407 -13.58 -0.39 -0.22
C VAL B 407 -13.45 1.12 -0.16
N ILE B 408 -14.54 1.82 0.18
CA ILE B 408 -14.50 3.27 0.27
C ILE B 408 -13.56 3.72 1.39
N THR B 409 -13.62 3.07 2.55
CA THR B 409 -12.74 3.43 3.66
C THR B 409 -11.28 3.18 3.31
N GLY B 410 -10.98 2.03 2.70
CA GLY B 410 -9.62 1.75 2.30
C GLY B 410 -9.11 2.70 1.23
N VAL B 411 -9.96 3.07 0.28
CA VAL B 411 -9.57 3.99 -0.77
C VAL B 411 -9.28 5.37 -0.19
N ILE B 412 -10.10 5.81 0.77
CA ILE B 412 -9.86 7.11 1.43
C ILE B 412 -8.54 7.08 2.18
N ASN B 413 -8.27 5.98 2.89
CA ASN B 413 -7.01 5.88 3.63
C ASN B 413 -5.80 5.89 2.70
N ILE B 414 -5.87 5.14 1.59
CA ILE B 414 -4.77 5.11 0.62
C ILE B 414 -4.57 6.48 -0.01
N VAL B 415 -5.66 7.16 -0.37
CA VAL B 415 -5.55 8.46 -1.02
C VAL B 415 -5.01 9.51 -0.07
N TYR B 416 -5.37 9.44 1.23
CA TYR B 416 -4.82 10.36 2.21
C TYR B 416 -3.42 9.98 2.65
N ALA B 417 -2.96 8.76 2.32
CA ALA B 417 -1.63 8.30 2.66
C ALA B 417 -0.48 9.21 2.23
N PRO B 418 -0.37 9.65 0.98
CA PRO B 418 0.84 10.41 0.59
C PRO B 418 0.78 11.88 0.92
N LEU B 419 -0.18 12.31 1.74
CA LEU B 419 -0.21 13.69 2.21
C LEU B 419 0.64 13.89 3.46
N CYS B 420 1.25 12.83 3.98
CA CYS B 420 2.14 12.91 5.13
C CYS B 420 3.54 13.34 4.75
N TYR B 421 3.81 13.54 3.45
CA TYR B 421 5.07 14.12 3.01
C TYR B 421 5.23 15.55 3.52
N TYR B 422 4.12 16.25 3.73
CA TYR B 422 4.14 17.63 4.20
C TYR B 422 4.75 17.71 5.60
N LEU B 423 4.60 16.66 6.40
CA LEU B 423 5.00 16.65 7.80
C LEU B 423 6.48 16.39 8.02
N ARG B 424 7.23 16.06 6.97
CA ARG B 424 8.66 15.79 7.10
C ARG B 424 9.41 17.11 7.18
N SER B 425 10.03 17.36 8.34
CA SER B 425 10.83 18.55 8.59
C SER B 425 10.03 19.84 8.41
N PRO B 426 9.04 20.09 9.27
CA PRO B 426 8.35 21.39 9.21
C PRO B 426 9.27 22.49 9.68
N PRO B 427 9.02 23.75 9.21
CA PRO B 427 9.92 24.87 9.50
C PRO B 427 9.57 25.61 10.79
N ALA B 428 9.43 26.92 10.71
CA ALA B 428 9.16 27.73 11.93
C ALA B 428 8.56 29.09 11.56
#